data_6SXH
#
_entry.id   6SXH
#
_cell.length_a   84.99
_cell.length_b   96.85
_cell.length_c   114.74
_cell.angle_alpha   90.00
_cell.angle_beta   90.00
_cell.angle_gamma   90.00
#
_symmetry.space_group_name_H-M   'P 21 21 21'
#
loop_
_entity.id
_entity.type
_entity.pdbx_description
1 polymer 'Protein translocase subunit SecA 2'
2 water water
#
_entity_poly.entity_id   1
_entity_poly.type   'polypeptide(L)'
_entity_poly.pdbx_seq_one_letter_code
;SNAAAMSVIDSILDKADEQEIKKLNVIVDKIDALEDSMKNLSYEELKDMTAIFKNRLKKGETLDDILPEAFAVVREVSKR
KLGMRQYRVQLIGGIVIHQGKIAEMKTGEGKTLVEVAPVYLNALTGKGVHVITVNDYLAERDKELMSPVYESLGMTVGVI
ISNQDPNIRKQQYKCDITYGTNSEFGFDYLRDNMVPDLSHKVQRELNFAIVDEVDSILIDEARTPLIIAGDGDEDLKLYE
LANSFVKTVKEEDFELDRKDKTIALTASGISKAESFFGITNLTDIKNIELYHHINQALRGHKLMEKDVDYVISNGEVMIV
DEFTGRVMDGRRYTDGLHQAIEAKEGVEIKNESKTMATVTYQNFFRLYEKLSGMTGTAKTEEGEFESIYKLNVVQIPTNR
PVIRADLHDKVFKTEEEKYSAVVEEIIRIHKTRQPILVGTVSVEKSEKLSKMLKKQGIKHQVLNAKQHDKEAEIISKAGK
LDAITIATNMAGRGTDISLGAGDKEEEQEVKDLGGLYVIGTERHESRRIDNQLRGRSGRQGDPGTSRFFVSLEDDVIKLY
GGKTIEKLMKRTSSNENTAIESKALTRAIERAQKGVEGKNFEIRKNVLKYDDTINEQRKVIYNERNKVLNDEDIQEDIQK
MVKDIIQEAGETYLIGRKRDYYGYFKHLYSTFMPADTLLIPGVDKKSVQEIIDSTYEISKRVYDLKKMMLGIDKVAELEK
TVLLKVVDQYWIDHIDAMEQLKQYIGLKSYAQKDPFKEYALEGYDMFEALNKNIREATVQYLYKFN
;
_entity_poly.pdbx_strand_id   A
#
# COMPACT_ATOMS: atom_id res chain seq x y z
N GLU A 18 -9.79 -26.09 18.76
CA GLU A 18 -10.44 -27.37 18.96
C GLU A 18 -11.95 -27.31 19.08
N GLN A 19 -12.44 -26.76 20.18
CA GLN A 19 -13.88 -26.53 20.37
C GLN A 19 -14.27 -25.64 19.21
N GLU A 20 -13.31 -24.81 18.84
CA GLU A 20 -13.35 -23.90 17.72
C GLU A 20 -13.71 -24.69 16.44
N ILE A 21 -13.07 -25.86 16.22
CA ILE A 21 -13.34 -26.75 15.09
C ILE A 21 -14.69 -27.45 15.23
N LYS A 22 -15.05 -27.85 16.44
CA LYS A 22 -16.34 -28.47 16.70
C LYS A 22 -17.44 -27.48 16.30
N LYS A 23 -17.31 -26.20 16.67
CA LYS A 23 -18.30 -25.20 16.30
C LYS A 23 -18.48 -25.14 14.80
N LEU A 24 -17.34 -24.96 14.09
CA LEU A 24 -17.36 -24.94 12.63
C LEU A 24 -18.04 -26.23 12.12
N ASN A 25 -17.70 -27.38 12.73
CA ASN A 25 -18.32 -28.60 12.23
C ASN A 25 -19.77 -28.66 12.42
N VAL A 26 -20.31 -28.10 13.51
CA VAL A 26 -21.75 -28.19 13.61
C VAL A 26 -22.44 -27.40 12.44
N ILE A 27 -21.89 -26.26 12.04
CA ILE A 27 -22.43 -25.50 10.92
C ILE A 27 -22.37 -26.36 9.64
N VAL A 28 -21.22 -27.03 9.38
CA VAL A 28 -21.05 -27.89 8.19
C VAL A 28 -22.08 -29.01 8.15
N ASP A 29 -22.44 -29.54 9.33
CA ASP A 29 -23.47 -30.57 9.44
C ASP A 29 -24.75 -30.05 8.78
N LYS A 30 -25.07 -28.78 9.02
CA LYS A 30 -26.24 -28.17 8.46
C LYS A 30 -26.16 -28.10 6.97
N ILE A 31 -25.00 -27.79 6.42
CA ILE A 31 -24.88 -27.77 4.98
C ILE A 31 -25.12 -29.16 4.47
N ASP A 32 -24.39 -30.16 5.00
CA ASP A 32 -24.62 -31.53 4.52
C ASP A 32 -26.08 -31.96 4.56
N ALA A 33 -26.85 -31.59 5.63
CA ALA A 33 -28.28 -31.96 5.71
C ALA A 33 -29.04 -31.44 4.53
N LEU A 34 -28.68 -30.25 4.06
CA LEU A 34 -29.31 -29.65 2.90
C LEU A 34 -28.94 -30.26 1.56
N GLU A 35 -27.81 -31.04 1.45
CA GLU A 35 -27.41 -31.56 0.13
C GLU A 35 -28.44 -32.23 -0.75
N ASP A 36 -29.17 -33.19 -0.18
CA ASP A 36 -30.23 -33.93 -0.85
C ASP A 36 -31.15 -33.04 -1.66
N SER A 37 -31.73 -32.03 -1.00
CA SER A 37 -32.61 -31.09 -1.67
C SER A 37 -31.88 -30.30 -2.80
N MET A 38 -30.62 -29.86 -2.60
CA MET A 38 -30.02 -29.17 -3.72
C MET A 38 -29.86 -30.11 -4.86
N LYS A 39 -29.49 -31.35 -4.52
CA LYS A 39 -29.32 -32.39 -5.53
C LYS A 39 -30.52 -32.44 -6.50
N ASN A 40 -31.78 -32.32 -6.00
CA ASN A 40 -32.87 -32.38 -6.96
C ASN A 40 -33.46 -31.07 -7.44
N LEU A 41 -32.64 -30.00 -7.55
CA LEU A 41 -33.16 -28.76 -8.11
C LEU A 41 -32.59 -28.59 -9.54
N SER A 42 -33.26 -27.83 -10.40
CA SER A 42 -32.70 -27.61 -11.72
C SER A 42 -31.73 -26.49 -11.63
N TYR A 43 -31.14 -26.21 -12.76
CA TYR A 43 -30.20 -25.14 -12.91
C TYR A 43 -30.86 -23.84 -12.60
N GLU A 44 -32.05 -23.57 -13.24
CA GLU A 44 -32.81 -22.37 -12.96
C GLU A 44 -33.26 -22.32 -11.50
N GLU A 45 -33.52 -23.45 -10.88
CA GLU A 45 -33.94 -23.32 -9.49
C GLU A 45 -32.78 -22.85 -8.64
N LEU A 46 -31.63 -23.44 -8.87
CA LEU A 46 -30.43 -23.05 -8.16
C LEU A 46 -30.19 -21.55 -8.36
N LYS A 47 -30.28 -21.10 -9.62
CA LYS A 47 -30.04 -19.71 -9.93
C LYS A 47 -31.11 -18.80 -9.31
N ASP A 48 -32.35 -19.26 -9.24
CA ASP A 48 -33.41 -18.48 -8.60
C ASP A 48 -33.14 -18.23 -7.09
N MET A 49 -32.17 -18.97 -6.49
CA MET A 49 -31.82 -18.79 -5.08
C MET A 49 -31.16 -17.46 -4.73
N THR A 50 -30.51 -16.78 -5.71
CA THR A 50 -29.95 -15.48 -5.38
C THR A 50 -31.08 -14.53 -4.99
N ALA A 51 -32.21 -14.53 -5.77
CA ALA A 51 -33.31 -13.64 -5.41
C ALA A 51 -33.98 -14.06 -4.09
N ILE A 52 -34.15 -15.36 -3.86
CA ILE A 52 -34.74 -15.76 -2.60
C ILE A 52 -33.86 -15.30 -1.42
N PHE A 53 -32.51 -15.36 -1.58
CA PHE A 53 -31.62 -14.92 -0.52
C PHE A 53 -31.74 -13.40 -0.26
N LYS A 54 -31.71 -12.53 -1.30
CA LYS A 54 -31.82 -11.09 -1.11
C LYS A 54 -33.11 -10.65 -0.50
N ASN A 55 -34.23 -11.16 -0.99
CA ASN A 55 -35.53 -10.82 -0.45
C ASN A 55 -35.57 -11.19 1.02
N ARG A 56 -35.05 -12.36 1.38
CA ARG A 56 -35.09 -12.70 2.79
C ARG A 56 -34.16 -11.81 3.54
N LEU A 57 -33.06 -11.37 2.91
CA LEU A 57 -32.17 -10.48 3.65
C LEU A 57 -32.85 -9.13 3.92
N LYS A 58 -33.74 -8.68 3.03
CA LYS A 58 -34.48 -7.43 3.20
C LYS A 58 -35.52 -7.57 4.33
N LYS A 59 -36.02 -8.80 4.52
CA LYS A 59 -37.03 -9.15 5.50
C LYS A 59 -36.54 -9.36 6.92
N GLY A 60 -35.25 -9.60 7.14
CA GLY A 60 -34.82 -9.77 8.53
C GLY A 60 -33.66 -10.67 8.83
N GLU A 61 -33.50 -11.70 8.03
CA GLU A 61 -32.39 -12.61 8.23
C GLU A 61 -31.05 -11.96 7.90
N THR A 62 -30.02 -12.38 8.63
CA THR A 62 -28.65 -11.89 8.43
C THR A 62 -27.88 -12.90 7.60
N LEU A 63 -26.68 -12.52 7.11
CA LEU A 63 -25.92 -13.48 6.34
C LEU A 63 -25.67 -14.77 7.12
N ASP A 64 -25.45 -14.66 8.44
CA ASP A 64 -25.21 -15.79 9.32
C ASP A 64 -26.35 -16.78 9.35
N ASP A 65 -27.57 -16.27 9.33
CA ASP A 65 -28.78 -17.06 9.31
C ASP A 65 -28.89 -17.82 7.97
N ILE A 66 -28.54 -17.18 6.83
CA ILE A 66 -28.67 -17.83 5.53
C ILE A 66 -27.48 -18.64 5.00
N LEU A 67 -26.30 -18.51 5.59
CA LEU A 67 -25.08 -19.21 5.18
C LEU A 67 -25.21 -20.72 5.00
N PRO A 68 -25.90 -21.47 5.89
CA PRO A 68 -25.91 -22.89 5.56
C PRO A 68 -26.52 -23.19 4.20
N GLU A 69 -27.78 -22.77 3.99
CA GLU A 69 -28.49 -22.94 2.73
C GLU A 69 -27.70 -22.30 1.55
N ALA A 70 -27.08 -21.17 1.75
CA ALA A 70 -26.34 -20.52 0.66
C ALA A 70 -25.06 -21.29 0.31
N PHE A 71 -24.45 -21.98 1.31
CA PHE A 71 -23.25 -22.77 1.03
C PHE A 71 -23.67 -24.05 0.33
N ALA A 72 -24.71 -24.66 0.84
CA ALA A 72 -25.34 -25.78 0.20
C ALA A 72 -25.61 -25.42 -1.34
N VAL A 73 -26.21 -24.23 -1.67
CA VAL A 73 -26.41 -23.84 -3.10
C VAL A 73 -25.07 -23.82 -3.85
N VAL A 74 -24.03 -23.23 -3.26
CA VAL A 74 -22.71 -23.15 -3.88
C VAL A 74 -21.99 -24.51 -4.05
N ARG A 75 -22.09 -25.43 -3.06
CA ARG A 75 -21.49 -26.73 -3.23
C ARG A 75 -22.07 -27.44 -4.45
N GLU A 76 -23.41 -27.42 -4.50
CA GLU A 76 -24.14 -28.00 -5.60
C GLU A 76 -23.78 -27.41 -6.96
N VAL A 77 -23.93 -26.09 -7.11
CA VAL A 77 -23.56 -25.54 -8.40
C VAL A 77 -22.09 -25.90 -8.60
N SER A 78 -21.31 -25.95 -7.49
CA SER A 78 -19.90 -26.22 -7.67
C SER A 78 -19.63 -27.60 -8.24
N LYS A 79 -20.32 -28.59 -7.70
CA LYS A 79 -20.26 -29.98 -8.14
C LYS A 79 -20.56 -30.07 -9.61
N ARG A 80 -21.72 -29.55 -10.03
CA ARG A 80 -22.12 -29.66 -11.43
C ARG A 80 -21.29 -28.87 -12.41
N LYS A 81 -20.92 -27.60 -12.08
CA LYS A 81 -20.17 -26.76 -13.02
C LYS A 81 -18.67 -26.87 -13.02
N LEU A 82 -18.08 -27.23 -11.88
CA LEU A 82 -16.64 -27.38 -11.87
C LEU A 82 -16.32 -28.87 -11.73
N GLY A 83 -17.34 -29.64 -11.29
CA GLY A 83 -17.16 -31.04 -10.97
C GLY A 83 -16.31 -31.05 -9.71
N MET A 84 -16.45 -30.01 -8.87
CA MET A 84 -15.69 -29.99 -7.63
C MET A 84 -16.60 -29.79 -6.45
N ARG A 85 -17.14 -30.88 -5.93
CA ARG A 85 -17.96 -30.80 -4.74
C ARG A 85 -17.06 -30.49 -3.54
N GLN A 86 -17.31 -29.37 -2.81
CA GLN A 86 -16.46 -28.96 -1.68
C GLN A 86 -16.44 -30.04 -0.59
N TYR A 87 -15.31 -30.18 0.11
CA TYR A 87 -15.18 -31.14 1.18
C TYR A 87 -15.55 -30.45 2.42
N ARG A 88 -15.80 -31.18 3.46
CA ARG A 88 -16.08 -30.55 4.72
C ARG A 88 -15.03 -29.48 5.03
N VAL A 89 -13.70 -29.83 4.96
CA VAL A 89 -12.67 -28.84 5.29
C VAL A 89 -12.70 -27.64 4.29
N GLN A 90 -13.26 -27.82 3.11
CA GLN A 90 -13.34 -26.64 2.28
C GLN A 90 -14.49 -25.72 2.75
N LEU A 91 -15.58 -26.32 3.27
CA LEU A 91 -16.69 -25.52 3.75
C LEU A 91 -16.27 -24.82 5.05
N ILE A 92 -15.48 -25.50 5.92
CA ILE A 92 -14.98 -24.92 7.17
C ILE A 92 -14.14 -23.67 6.85
N GLY A 93 -13.16 -23.80 5.93
CA GLY A 93 -12.38 -22.65 5.51
C GLY A 93 -13.29 -21.49 5.08
N GLY A 94 -14.29 -21.80 4.27
CA GLY A 94 -15.24 -20.80 3.80
C GLY A 94 -16.01 -20.04 4.88
N ILE A 95 -16.40 -20.77 5.95
CA ILE A 95 -17.09 -20.16 7.07
C ILE A 95 -16.12 -19.24 7.80
N VAL A 96 -14.89 -19.70 8.03
CA VAL A 96 -13.86 -18.89 8.69
C VAL A 96 -13.66 -17.56 7.95
N ILE A 97 -13.40 -17.65 6.64
CA ILE A 97 -13.25 -16.49 5.81
C ILE A 97 -14.47 -15.60 5.96
N HIS A 98 -15.67 -16.20 6.03
CA HIS A 98 -16.88 -15.41 6.20
C HIS A 98 -16.80 -14.57 7.46
N GLN A 99 -16.22 -15.15 8.50
CA GLN A 99 -16.06 -14.53 9.79
C GLN A 99 -15.09 -13.39 9.79
N GLY A 100 -14.44 -13.13 8.66
CA GLY A 100 -13.51 -12.03 8.63
C GLY A 100 -12.25 -12.42 9.39
N LYS A 101 -11.70 -13.59 9.01
CA LYS A 101 -10.49 -14.14 9.60
C LYS A 101 -9.62 -14.68 8.52
N ILE A 102 -8.48 -15.21 8.95
CA ILE A 102 -7.50 -15.84 8.11
C ILE A 102 -7.73 -17.35 8.27
N ALA A 103 -8.00 -18.07 7.20
CA ALA A 103 -8.14 -19.51 7.33
C ALA A 103 -6.78 -20.07 6.95
N GLU A 104 -6.12 -20.76 7.85
CA GLU A 104 -4.82 -21.28 7.47
C GLU A 104 -5.06 -22.61 6.80
N MET A 105 -4.80 -22.69 5.47
CA MET A 105 -4.98 -23.94 4.70
C MET A 105 -3.76 -24.26 3.88
N LYS A 106 -3.33 -25.50 3.97
CA LYS A 106 -2.13 -25.87 3.27
C LYS A 106 -2.12 -25.81 1.72
N THR A 107 -0.93 -25.86 1.10
CA THR A 107 -0.87 -25.86 -0.38
C THR A 107 -1.62 -27.12 -0.85
N GLY A 108 -2.58 -26.98 -1.77
CA GLY A 108 -3.30 -28.14 -2.27
C GLY A 108 -4.67 -28.37 -1.67
N GLU A 109 -5.03 -27.59 -0.66
CA GLU A 109 -6.36 -27.73 -0.10
C GLU A 109 -7.51 -27.08 -0.91
N GLY A 110 -7.17 -26.36 -1.97
CA GLY A 110 -8.21 -25.78 -2.82
C GLY A 110 -8.64 -24.40 -2.38
N LYS A 111 -7.70 -23.60 -1.91
CA LYS A 111 -7.97 -22.24 -1.50
C LYS A 111 -8.89 -21.51 -2.51
N THR A 112 -8.51 -21.55 -3.82
CA THR A 112 -9.30 -20.91 -4.86
C THR A 112 -10.74 -21.30 -4.83
N LEU A 113 -11.00 -22.60 -4.65
CA LEU A 113 -12.37 -23.09 -4.51
C LEU A 113 -13.04 -22.66 -3.19
N VAL A 114 -12.33 -22.72 -2.04
CA VAL A 114 -12.81 -22.35 -0.68
C VAL A 114 -13.42 -20.96 -0.68
N GLU A 115 -12.84 -20.07 -1.46
CA GLU A 115 -13.24 -18.69 -1.61
C GLU A 115 -14.60 -18.44 -2.16
N VAL A 116 -15.05 -19.24 -3.16
CA VAL A 116 -16.34 -19.13 -3.87
C VAL A 116 -17.60 -19.05 -2.96
N ALA A 117 -17.73 -19.94 -1.91
CA ALA A 117 -18.93 -19.93 -1.07
C ALA A 117 -19.05 -18.65 -0.24
N PRO A 118 -18.05 -18.28 0.62
CA PRO A 118 -18.20 -17.04 1.40
C PRO A 118 -18.27 -15.81 0.52
N VAL A 119 -17.47 -15.77 -0.62
CA VAL A 119 -17.52 -14.65 -1.54
C VAL A 119 -18.98 -14.49 -1.94
N TYR A 120 -19.52 -15.52 -2.54
CA TYR A 120 -20.88 -15.50 -2.99
C TYR A 120 -21.86 -15.02 -1.92
N LEU A 121 -21.68 -15.47 -0.67
CA LEU A 121 -22.54 -15.10 0.46
C LEU A 121 -22.50 -13.63 0.74
N ASN A 122 -21.31 -13.03 0.76
CA ASN A 122 -21.21 -11.59 1.03
C ASN A 122 -21.60 -10.80 -0.17
N ALA A 123 -21.43 -11.34 -1.45
CA ALA A 123 -21.83 -10.58 -2.65
C ALA A 123 -23.38 -10.39 -2.67
N LEU A 124 -24.10 -11.21 -1.93
CA LEU A 124 -25.52 -11.01 -1.86
C LEU A 124 -25.96 -9.63 -1.33
N THR A 125 -25.14 -8.94 -0.51
CA THR A 125 -25.58 -7.64 -0.02
C THR A 125 -25.62 -6.62 -1.16
N GLY A 126 -25.04 -6.97 -2.33
CA GLY A 126 -25.01 -6.02 -3.43
C GLY A 126 -23.96 -4.96 -3.18
N LYS A 127 -23.20 -5.09 -2.05
CA LYS A 127 -22.12 -4.12 -1.80
C LYS A 127 -20.76 -4.43 -2.54
N GLY A 128 -20.62 -5.62 -3.17
CA GLY A 128 -19.35 -5.94 -3.84
C GLY A 128 -18.40 -6.66 -2.90
N VAL A 129 -17.53 -7.48 -3.48
CA VAL A 129 -16.52 -8.25 -2.74
C VAL A 129 -15.17 -8.27 -3.53
N HIS A 130 -14.06 -8.19 -2.82
CA HIS A 130 -12.77 -8.15 -3.48
C HIS A 130 -11.96 -9.40 -3.19
N VAL A 131 -11.67 -10.17 -4.25
CA VAL A 131 -10.89 -11.38 -4.06
C VAL A 131 -9.51 -10.99 -4.58
N ILE A 132 -8.58 -10.90 -3.66
CA ILE A 132 -7.26 -10.42 -3.92
C ILE A 132 -6.17 -11.47 -4.14
N THR A 133 -5.39 -11.30 -5.21
CA THR A 133 -4.33 -12.24 -5.47
C THR A 133 -2.95 -11.56 -5.40
N VAL A 134 -1.88 -12.34 -5.44
CA VAL A 134 -0.58 -11.73 -5.46
C VAL A 134 -0.14 -11.26 -6.88
N ASN A 135 -0.82 -11.66 -7.98
CA ASN A 135 -0.43 -11.16 -9.32
C ASN A 135 -1.47 -11.28 -10.40
N ASP A 136 -1.24 -10.58 -11.54
CA ASP A 136 -2.19 -10.57 -12.65
C ASP A 136 -2.60 -11.90 -13.20
N TYR A 137 -1.60 -12.76 -13.52
CA TYR A 137 -1.95 -14.05 -14.10
C TYR A 137 -2.87 -14.75 -13.15
N LEU A 138 -2.52 -14.80 -11.87
CA LEU A 138 -3.45 -15.46 -10.90
C LEU A 138 -4.85 -14.89 -10.86
N ALA A 139 -5.00 -13.59 -10.72
CA ALA A 139 -6.33 -13.02 -10.69
C ALA A 139 -7.18 -13.38 -11.90
N GLU A 140 -6.63 -13.32 -13.13
CA GLU A 140 -7.42 -13.68 -14.30
C GLU A 140 -7.74 -15.12 -14.42
N ARG A 141 -6.78 -15.96 -14.16
CA ARG A 141 -7.01 -17.37 -14.23
C ARG A 141 -8.06 -17.78 -13.25
N ASP A 142 -7.92 -17.36 -12.00
CA ASP A 142 -8.87 -17.73 -10.98
C ASP A 142 -10.27 -17.22 -11.23
N LYS A 143 -10.40 -16.01 -11.72
CA LYS A 143 -11.70 -15.49 -12.01
C LYS A 143 -12.33 -16.18 -13.21
N GLU A 144 -11.55 -16.48 -14.21
CA GLU A 144 -12.02 -17.16 -15.40
C GLU A 144 -12.50 -18.56 -15.04
N LEU A 145 -11.82 -19.20 -14.15
CA LEU A 145 -12.13 -20.51 -13.64
C LEU A 145 -13.33 -20.58 -12.77
N MET A 146 -13.59 -19.55 -11.98
CA MET A 146 -14.75 -19.60 -11.12
C MET A 146 -15.99 -18.85 -11.59
N SER A 147 -15.88 -18.13 -12.70
CA SER A 147 -16.99 -17.38 -13.28
C SER A 147 -18.21 -18.22 -13.57
N PRO A 148 -18.05 -19.44 -14.13
CA PRO A 148 -19.24 -20.22 -14.41
C PRO A 148 -20.05 -20.45 -13.17
N VAL A 149 -19.42 -20.54 -12.00
CA VAL A 149 -20.30 -20.75 -10.87
C VAL A 149 -20.96 -19.45 -10.42
N TYR A 150 -20.26 -18.29 -10.43
CA TYR A 150 -20.98 -17.09 -9.99
C TYR A 150 -22.09 -16.71 -10.95
N GLU A 151 -21.88 -16.97 -12.23
CA GLU A 151 -22.84 -16.65 -13.27
C GLU A 151 -23.96 -17.66 -13.22
N SER A 152 -23.63 -18.91 -12.90
CA SER A 152 -24.66 -19.92 -12.77
C SER A 152 -25.54 -19.57 -11.53
N LEU A 153 -25.09 -18.64 -10.71
CA LEU A 153 -25.88 -18.18 -9.60
C LEU A 153 -26.39 -16.75 -9.81
N GLY A 154 -26.29 -16.29 -11.08
CA GLY A 154 -26.81 -14.98 -11.44
C GLY A 154 -26.09 -13.74 -11.02
N MET A 155 -24.83 -13.91 -10.72
CA MET A 155 -24.05 -12.76 -10.33
C MET A 155 -22.99 -12.51 -11.36
N THR A 156 -22.37 -11.33 -11.29
CA THR A 156 -21.33 -10.92 -12.25
C THR A 156 -20.04 -10.70 -11.56
N VAL A 157 -18.98 -11.04 -12.27
CA VAL A 157 -17.65 -11.00 -11.71
C VAL A 157 -16.79 -10.10 -12.55
N GLY A 158 -15.93 -9.31 -11.90
CA GLY A 158 -15.04 -8.46 -12.62
C GLY A 158 -13.62 -8.84 -12.31
N VAL A 159 -12.68 -8.20 -13.01
CA VAL A 159 -11.29 -8.46 -12.72
C VAL A 159 -10.43 -7.24 -13.04
N ILE A 160 -9.44 -6.93 -12.16
CA ILE A 160 -8.52 -5.83 -12.30
C ILE A 160 -7.06 -6.26 -12.48
N ILE A 161 -6.48 -5.77 -13.56
CA ILE A 161 -5.08 -6.02 -13.87
C ILE A 161 -4.41 -4.77 -14.40
N SER A 162 -3.09 -4.78 -14.54
CA SER A 162 -2.30 -3.65 -15.01
C SER A 162 -2.48 -3.13 -16.41
N ASN A 163 -2.53 -3.96 -17.45
CA ASN A 163 -2.74 -3.38 -18.77
C ASN A 163 -4.22 -3.10 -18.92
N GLN A 164 -4.75 -2.11 -18.17
CA GLN A 164 -6.17 -1.87 -18.26
C GLN A 164 -6.80 -0.50 -18.38
N ASP A 165 -7.61 -0.38 -19.44
CA ASP A 165 -8.51 0.70 -19.84
C ASP A 165 -9.43 1.02 -18.63
N PRO A 166 -9.46 2.29 -18.20
CA PRO A 166 -10.25 2.79 -17.06
C PRO A 166 -11.76 2.56 -17.11
N ASN A 167 -12.31 2.78 -18.29
CA ASN A 167 -13.72 2.57 -18.59
C ASN A 167 -14.07 1.15 -18.20
N ILE A 168 -13.23 0.21 -18.65
CA ILE A 168 -13.41 -1.18 -18.27
C ILE A 168 -13.23 -1.26 -16.75
N ARG A 169 -12.36 -0.40 -16.21
CA ARG A 169 -12.07 -0.38 -14.79
C ARG A 169 -13.19 -0.12 -13.86
N LYS A 170 -13.96 0.89 -14.06
CA LYS A 170 -15.13 1.11 -13.24
C LYS A 170 -16.08 -0.04 -13.41
N GLN A 171 -16.21 -0.56 -14.65
CA GLN A 171 -17.11 -1.68 -14.79
C GLN A 171 -16.71 -2.88 -13.96
N GLN A 172 -15.42 -3.15 -13.82
CA GLN A 172 -15.04 -4.31 -13.02
C GLN A 172 -15.46 -4.19 -11.57
N TYR A 173 -15.44 -2.98 -11.05
CA TYR A 173 -15.86 -2.72 -9.69
C TYR A 173 -17.36 -2.76 -9.56
N LYS A 174 -18.07 -2.62 -10.70
CA LYS A 174 -19.52 -2.64 -10.73
C LYS A 174 -20.17 -4.01 -10.61
N CYS A 175 -19.44 -5.05 -10.99
CA CYS A 175 -19.90 -6.42 -10.84
C CYS A 175 -20.04 -6.72 -9.34
N ASP A 176 -20.75 -7.76 -9.02
CA ASP A 176 -20.99 -8.18 -7.65
C ASP A 176 -19.74 -8.67 -6.98
N ILE A 177 -18.81 -9.08 -7.83
CA ILE A 177 -17.57 -9.63 -7.43
C ILE A 177 -16.46 -9.11 -8.33
N THR A 178 -15.31 -8.73 -7.79
CA THR A 178 -14.16 -8.26 -8.60
C THR A 178 -12.92 -9.02 -8.13
N TYR A 179 -12.15 -9.55 -9.06
CA TYR A 179 -10.86 -10.20 -8.75
C TYR A 179 -9.78 -9.22 -9.08
N GLY A 180 -8.60 -9.34 -8.43
CA GLY A 180 -7.49 -8.45 -8.74
C GLY A 180 -6.34 -8.69 -7.77
N THR A 181 -5.19 -8.14 -8.11
CA THR A 181 -4.00 -8.31 -7.30
C THR A 181 -3.97 -7.25 -6.28
N ASN A 182 -3.35 -7.52 -5.16
CA ASN A 182 -3.21 -6.54 -4.10
C ASN A 182 -2.90 -5.09 -4.57
N SER A 183 -1.76 -4.86 -5.22
CA SER A 183 -1.39 -3.52 -5.65
C SER A 183 -2.37 -2.74 -6.56
N GLU A 184 -3.16 -3.42 -7.39
CA GLU A 184 -4.09 -2.66 -8.21
C GLU A 184 -5.31 -2.16 -7.45
N PHE A 185 -5.74 -2.87 -6.41
CA PHE A 185 -6.84 -2.35 -5.59
C PHE A 185 -6.31 -1.16 -4.84
N GLY A 186 -5.00 -1.19 -4.51
CA GLY A 186 -4.39 -0.06 -3.82
C GLY A 186 -4.24 1.18 -4.68
N PHE A 187 -3.61 1.01 -5.85
CA PHE A 187 -3.39 2.06 -6.83
C PHE A 187 -4.69 2.82 -7.14
N ASP A 188 -5.76 2.07 -7.47
CA ASP A 188 -7.09 2.58 -7.74
C ASP A 188 -7.63 3.46 -6.61
N TYR A 189 -7.48 3.04 -5.30
CA TYR A 189 -7.89 3.79 -4.11
C TYR A 189 -7.20 5.19 -4.03
N LEU A 190 -5.88 5.22 -4.24
CA LEU A 190 -5.15 6.47 -4.27
C LEU A 190 -5.69 7.36 -5.39
N ARG A 191 -5.84 6.79 -6.58
CA ARG A 191 -6.36 7.54 -7.71
C ARG A 191 -7.73 8.13 -7.46
N ASP A 192 -8.61 7.37 -6.80
CA ASP A 192 -9.94 7.88 -6.46
C ASP A 192 -9.90 9.11 -5.57
N ASN A 193 -8.83 9.26 -4.78
CA ASN A 193 -8.69 10.42 -3.92
C ASN A 193 -7.82 11.53 -4.57
N MET A 194 -7.57 11.41 -5.86
CA MET A 194 -6.80 12.39 -6.61
C MET A 194 -7.71 12.97 -7.67
N VAL A 195 -8.99 12.67 -7.59
CA VAL A 195 -9.90 13.11 -8.63
C VAL A 195 -10.59 14.46 -8.48
N PRO A 196 -10.94 15.11 -9.61
CA PRO A 196 -11.61 16.41 -9.44
C PRO A 196 -13.09 16.35 -9.20
N ASP A 197 -13.71 15.41 -9.90
CA ASP A 197 -15.14 15.21 -9.86
C ASP A 197 -15.49 13.85 -9.30
N LEU A 198 -16.48 13.77 -8.42
CA LEU A 198 -16.90 12.50 -7.85
C LEU A 198 -17.14 11.45 -8.93
N SER A 199 -17.81 11.83 -10.02
CA SER A 199 -18.08 10.93 -11.12
C SER A 199 -16.86 10.69 -12.01
N HIS A 200 -15.74 10.43 -11.36
CA HIS A 200 -14.48 10.14 -12.02
C HIS A 200 -13.86 8.98 -11.28
N LYS A 201 -14.49 8.59 -10.15
CA LYS A 201 -14.00 7.47 -9.34
C LYS A 201 -14.23 6.11 -10.02
N VAL A 202 -13.39 5.10 -9.71
CA VAL A 202 -13.56 3.79 -10.30
C VAL A 202 -14.11 2.77 -9.34
N GLN A 203 -13.97 3.05 -8.05
CA GLN A 203 -14.45 2.21 -6.97
C GLN A 203 -15.71 2.62 -6.30
N ARG A 204 -16.21 1.69 -5.53
CA ARG A 204 -17.36 1.77 -4.66
C ARG A 204 -16.75 1.58 -3.32
N GLU A 205 -17.59 1.30 -2.34
CA GLU A 205 -17.11 1.09 -1.00
C GLU A 205 -16.06 -0.06 -0.90
N LEU A 206 -15.06 0.06 0.01
CA LEU A 206 -14.13 -1.05 0.24
C LEU A 206 -14.85 -1.92 1.32
N ASN A 207 -15.70 -2.84 0.87
CA ASN A 207 -16.57 -3.68 1.68
C ASN A 207 -15.96 -4.91 2.30
N PHE A 208 -15.63 -5.87 1.47
CA PHE A 208 -15.04 -7.08 1.95
C PHE A 208 -13.90 -7.46 1.07
N ALA A 209 -12.83 -7.93 1.70
CA ALA A 209 -11.60 -8.30 1.08
C ALA A 209 -11.06 -9.62 1.61
N ILE A 210 -10.82 -10.58 0.75
CA ILE A 210 -10.19 -11.85 1.14
C ILE A 210 -8.77 -11.73 0.53
N VAL A 211 -7.73 -11.80 1.36
CA VAL A 211 -6.39 -11.66 0.83
C VAL A 211 -5.65 -13.00 0.84
N ASP A 212 -5.23 -13.46 -0.39
CA ASP A 212 -4.49 -14.68 -0.59
C ASP A 212 -3.04 -14.52 -0.19
N GLU A 213 -2.45 -15.56 0.43
CA GLU A 213 -1.06 -15.40 0.90
C GLU A 213 -0.94 -14.21 1.86
N VAL A 214 -1.93 -14.13 2.80
CA VAL A 214 -2.01 -13.07 3.76
C VAL A 214 -0.74 -12.78 4.53
N ASP A 215 0.09 -13.81 4.80
CA ASP A 215 1.32 -13.56 5.53
C ASP A 215 2.45 -12.85 4.63
N SER A 216 2.64 -13.24 3.40
CA SER A 216 3.63 -12.50 2.61
C SER A 216 3.20 -11.06 2.37
N ILE A 217 1.90 -10.83 2.11
CA ILE A 217 1.33 -9.52 1.88
C ILE A 217 1.22 -8.68 3.10
N LEU A 218 0.43 -9.15 4.10
CA LEU A 218 0.29 -8.39 5.33
C LEU A 218 1.43 -8.48 6.28
N ILE A 219 2.26 -9.50 6.23
CA ILE A 219 3.41 -9.40 7.14
C ILE A 219 4.75 -9.01 6.37
N ASP A 220 5.28 -9.86 5.60
CA ASP A 220 6.55 -9.56 4.89
C ASP A 220 6.57 -8.30 4.04
N GLU A 221 5.56 -8.14 3.21
CA GLU A 221 5.43 -6.99 2.31
C GLU A 221 4.66 -5.83 2.89
N ALA A 222 4.13 -5.98 4.10
CA ALA A 222 3.32 -5.00 4.79
C ALA A 222 3.62 -3.53 4.53
N ARG A 223 4.91 -3.15 4.57
CA ARG A 223 5.38 -1.78 4.36
C ARG A 223 5.44 -1.26 2.89
N THR A 224 5.29 -2.16 1.93
CA THR A 224 5.33 -1.81 0.52
C THR A 224 4.54 -0.55 0.20
N PRO A 225 5.26 0.49 -0.22
CA PRO A 225 4.54 1.73 -0.53
C PRO A 225 3.81 1.71 -1.85
N LEU A 226 2.53 2.07 -1.80
CA LEU A 226 1.77 2.18 -3.02
C LEU A 226 1.85 3.64 -3.47
N ILE A 227 2.55 3.87 -4.57
CA ILE A 227 2.77 5.23 -5.06
C ILE A 227 2.17 5.62 -6.38
N ILE A 228 1.36 6.68 -6.37
CA ILE A 228 0.85 7.26 -7.61
C ILE A 228 1.80 8.45 -7.81
N ALA A 229 2.58 8.45 -8.87
CA ALA A 229 3.55 9.50 -9.08
C ALA A 229 3.32 10.31 -10.33
N GLY A 230 3.83 11.53 -10.37
CA GLY A 230 3.62 12.39 -11.53
C GLY A 230 4.91 12.88 -12.12
N ASP A 231 4.87 13.19 -13.40
CA ASP A 231 6.06 13.65 -14.07
C ASP A 231 6.49 15.07 -13.76
N GLY A 232 7.79 15.22 -13.61
CA GLY A 232 8.39 16.52 -13.38
C GLY A 232 8.77 17.06 -14.74
N ASP A 233 7.79 17.17 -15.65
CA ASP A 233 8.09 17.72 -16.97
C ASP A 233 7.99 19.19 -16.87
N GLU A 234 6.85 19.62 -16.35
CA GLU A 234 6.44 20.99 -16.15
C GLU A 234 7.03 21.65 -14.94
N ASP A 235 7.17 20.90 -13.86
CA ASP A 235 7.79 21.42 -12.65
C ASP A 235 9.16 21.95 -13.00
N LEU A 236 9.87 21.27 -13.90
CA LEU A 236 11.16 21.71 -14.35
C LEU A 236 11.12 22.90 -15.29
N LYS A 237 10.20 22.99 -16.21
CA LYS A 237 10.07 24.18 -17.02
C LYS A 237 9.51 25.34 -16.22
N LEU A 238 8.44 25.11 -15.46
CA LEU A 238 7.84 26.11 -14.58
C LEU A 238 8.90 26.70 -13.67
N TYR A 239 9.68 25.86 -12.99
CA TYR A 239 10.72 26.38 -12.12
C TYR A 239 11.67 27.28 -13.02
N GLU A 240 12.10 26.79 -14.22
CA GLU A 240 13.00 27.54 -15.12
C GLU A 240 12.39 28.86 -15.57
N LEU A 241 11.20 28.79 -16.16
CA LEU A 241 10.43 29.93 -16.63
C LEU A 241 10.10 30.94 -15.51
N ALA A 242 9.57 30.47 -14.37
CA ALA A 242 9.26 31.37 -13.26
C ALA A 242 10.50 32.15 -12.85
N ASN A 243 11.67 31.52 -13.00
CA ASN A 243 12.89 32.18 -12.62
C ASN A 243 13.30 33.27 -13.60
N SER A 244 13.20 33.01 -14.90
CA SER A 244 13.58 34.04 -15.82
C SER A 244 12.51 35.14 -15.87
N PHE A 245 11.24 34.83 -15.59
CA PHE A 245 10.27 35.90 -15.56
C PHE A 245 10.54 36.83 -14.39
N VAL A 246 10.98 36.28 -13.28
CA VAL A 246 11.25 37.15 -12.13
C VAL A 246 12.44 38.05 -12.38
N LYS A 247 13.39 37.52 -13.15
CA LYS A 247 14.58 38.25 -13.47
C LYS A 247 14.30 39.50 -14.27
N THR A 248 13.17 39.56 -14.96
CA THR A 248 12.88 40.78 -15.71
C THR A 248 12.03 41.76 -14.93
N VAL A 249 11.67 41.40 -13.70
CA VAL A 249 10.79 42.19 -12.86
C VAL A 249 11.46 43.42 -12.28
N LYS A 250 10.79 44.54 -12.36
CA LYS A 250 11.36 45.75 -11.79
C LYS A 250 10.69 46.12 -10.48
N GLU A 251 11.28 47.03 -9.75
CA GLU A 251 10.75 47.44 -8.46
C GLU A 251 9.29 47.88 -8.45
N GLU A 252 8.83 48.43 -9.57
CA GLU A 252 7.46 48.86 -9.72
C GLU A 252 6.48 47.71 -9.89
N ASP A 253 7.00 46.49 -10.08
CA ASP A 253 6.21 45.29 -10.29
C ASP A 253 5.91 44.45 -9.04
N PHE A 254 6.47 44.80 -7.88
CA PHE A 254 6.21 44.02 -6.67
C PHE A 254 6.28 44.85 -5.42
N GLU A 255 5.59 44.39 -4.41
CA GLU A 255 5.66 45.11 -3.16
C GLU A 255 6.14 44.16 -2.11
N LEU A 256 7.23 44.48 -1.46
CA LEU A 256 7.75 43.58 -0.45
C LEU A 256 7.88 44.17 0.93
N ASP A 257 7.93 43.31 1.90
CA ASP A 257 8.04 43.72 3.27
C ASP A 257 9.08 42.88 3.94
N ARG A 258 10.29 43.42 4.03
CA ARG A 258 11.40 42.76 4.69
C ARG A 258 11.08 42.29 6.11
N LYS A 259 10.39 43.10 6.87
CA LYS A 259 10.07 42.77 8.24
C LYS A 259 9.11 41.62 8.39
N ASP A 260 7.97 41.71 7.77
CA ASP A 260 6.98 40.65 7.90
C ASP A 260 7.06 39.59 6.79
N LYS A 261 8.07 39.75 5.92
CA LYS A 261 8.41 38.81 4.85
C LYS A 261 7.34 38.38 3.89
N THR A 262 6.75 39.35 3.29
CA THR A 262 5.74 39.09 2.30
C THR A 262 6.26 39.78 1.02
N ILE A 263 5.74 39.37 -0.11
CA ILE A 263 6.05 39.94 -1.39
C ILE A 263 4.92 39.55 -2.26
N ALA A 264 4.31 40.52 -2.89
CA ALA A 264 3.22 40.34 -3.81
C ALA A 264 3.56 41.16 -5.04
N LEU A 265 3.12 40.70 -6.20
CA LEU A 265 3.26 41.35 -7.51
C LEU A 265 2.26 42.54 -7.53
N THR A 266 2.65 43.70 -8.10
CA THR A 266 1.76 44.83 -8.24
C THR A 266 0.92 44.57 -9.52
N ALA A 267 0.06 45.50 -9.92
CA ALA A 267 -0.74 45.31 -11.12
C ALA A 267 0.17 45.25 -12.35
N SER A 268 1.16 46.14 -12.45
CA SER A 268 2.06 46.06 -13.57
C SER A 268 2.76 44.70 -13.49
N GLY A 269 2.94 44.19 -12.25
CA GLY A 269 3.56 42.89 -12.07
C GLY A 269 2.71 41.79 -12.64
N ILE A 270 1.41 41.90 -12.42
CA ILE A 270 0.49 40.92 -12.95
C ILE A 270 0.40 40.93 -14.44
N SER A 271 0.44 42.13 -15.03
CA SER A 271 0.38 42.27 -16.47
C SER A 271 1.63 41.68 -17.12
N LYS A 272 2.82 42.07 -16.65
CA LYS A 272 4.05 41.55 -17.21
C LYS A 272 4.01 40.04 -17.12
N ALA A 273 3.52 39.55 -15.96
CA ALA A 273 3.36 38.13 -15.73
C ALA A 273 2.41 37.44 -16.70
N GLU A 274 1.18 37.96 -16.85
CA GLU A 274 0.23 37.29 -17.71
C GLU A 274 0.55 37.43 -19.19
N SER A 275 1.23 38.51 -19.56
CA SER A 275 1.63 38.67 -20.94
C SER A 275 2.83 37.77 -21.17
N PHE A 276 3.72 37.68 -20.17
CA PHE A 276 4.87 36.81 -20.25
C PHE A 276 4.46 35.35 -20.42
N PHE A 277 3.64 34.83 -19.49
CA PHE A 277 3.18 33.45 -19.57
C PHE A 277 2.04 33.21 -20.55
N GLY A 278 1.60 34.26 -21.26
CA GLY A 278 0.52 34.13 -22.23
C GLY A 278 -0.79 33.68 -21.62
N ILE A 279 -1.09 34.19 -20.42
CA ILE A 279 -2.31 33.86 -19.67
C ILE A 279 -3.24 35.07 -19.45
N THR A 280 -4.53 34.88 -19.01
CA THR A 280 -5.48 36.00 -18.80
C THR A 280 -5.72 36.57 -17.39
N ASN A 281 -6.10 35.80 -16.39
CA ASN A 281 -6.16 36.38 -15.04
C ASN A 281 -5.37 35.50 -14.13
N LEU A 282 -4.10 35.89 -13.89
CA LEU A 282 -3.16 35.12 -13.09
C LEU A 282 -3.67 34.70 -11.72
N THR A 283 -4.52 35.52 -11.14
CA THR A 283 -5.04 35.28 -9.81
C THR A 283 -6.22 34.39 -9.76
N ASP A 284 -6.82 34.09 -10.89
CA ASP A 284 -7.90 33.16 -10.88
C ASP A 284 -7.40 31.73 -10.59
N ILE A 285 -8.26 30.92 -9.97
CA ILE A 285 -7.90 29.58 -9.55
C ILE A 285 -7.32 28.65 -10.63
N LYS A 286 -7.73 28.84 -11.86
CA LYS A 286 -7.21 28.05 -12.96
C LYS A 286 -5.69 28.15 -13.05
N ASN A 287 -5.09 29.28 -12.59
CA ASN A 287 -3.64 29.40 -12.67
C ASN A 287 -2.96 29.20 -11.34
N ILE A 288 -3.61 28.50 -10.39
CA ILE A 288 -2.97 28.30 -9.09
C ILE A 288 -1.50 27.88 -9.18
N GLU A 289 -1.22 26.85 -9.97
CA GLU A 289 0.13 26.28 -10.13
C GLU A 289 1.17 27.26 -10.68
N LEU A 290 0.80 28.03 -11.68
CA LEU A 290 1.70 29.04 -12.25
C LEU A 290 1.94 30.18 -11.22
N TYR A 291 0.84 30.65 -10.61
CA TYR A 291 0.91 31.75 -9.64
C TYR A 291 1.76 31.36 -8.46
N HIS A 292 1.60 30.09 -8.00
CA HIS A 292 2.36 29.60 -6.87
C HIS A 292 3.90 29.48 -7.23
N HIS A 293 4.26 28.91 -8.39
CA HIS A 293 5.69 28.90 -8.76
C HIS A 293 6.23 30.33 -8.92
N ILE A 294 5.36 31.30 -9.24
CA ILE A 294 5.84 32.66 -9.40
C ILE A 294 6.08 33.32 -8.09
N ASN A 295 5.17 33.16 -7.15
CA ASN A 295 5.44 33.73 -5.85
C ASN A 295 6.68 33.16 -5.20
N GLN A 296 7.00 31.88 -5.45
CA GLN A 296 8.19 31.35 -4.85
C GLN A 296 9.43 31.84 -5.48
N ALA A 297 9.41 32.12 -6.81
CA ALA A 297 10.64 32.70 -7.36
C ALA A 297 10.78 34.09 -6.75
N LEU A 298 9.70 34.87 -6.70
CA LEU A 298 9.79 36.24 -6.18
C LEU A 298 10.42 36.25 -4.82
N ARG A 299 9.88 35.46 -3.94
CA ARG A 299 10.36 35.35 -2.62
C ARG A 299 11.75 34.84 -2.64
N GLY A 300 11.98 33.82 -3.38
CA GLY A 300 13.33 33.30 -3.44
C GLY A 300 14.32 34.35 -3.88
N HIS A 301 13.93 35.15 -4.87
CA HIS A 301 14.80 36.19 -5.41
C HIS A 301 14.98 37.44 -4.50
N LYS A 302 13.86 38.06 -4.01
CA LYS A 302 13.93 39.29 -3.25
C LYS A 302 13.86 39.28 -1.73
N LEU A 303 13.47 38.14 -1.11
CA LEU A 303 13.39 37.98 0.35
C LEU A 303 14.51 37.10 0.96
N MET A 304 15.14 36.26 0.14
CA MET A 304 16.21 35.38 0.61
C MET A 304 17.53 35.83 0.08
N GLU A 305 18.57 35.67 0.86
CA GLU A 305 19.83 36.15 0.37
C GLU A 305 20.96 35.18 0.66
N LYS A 306 21.80 34.96 -0.34
CA LYS A 306 22.97 34.12 -0.19
C LYS A 306 23.91 34.71 0.86
N ASP A 307 24.55 33.85 1.63
CA ASP A 307 25.42 34.19 2.72
C ASP A 307 24.70 34.82 3.93
N VAL A 308 23.35 34.74 3.96
CA VAL A 308 22.57 35.21 5.11
C VAL A 308 21.49 34.17 5.37
N ASP A 309 20.69 33.87 4.36
CA ASP A 309 19.62 32.91 4.51
C ASP A 309 19.99 31.50 4.17
N TYR A 310 20.79 31.35 3.13
CA TYR A 310 21.22 30.07 2.65
C TYR A 310 22.60 30.25 2.05
N VAL A 311 23.31 29.15 1.91
CA VAL A 311 24.63 29.18 1.31
C VAL A 311 24.63 28.18 0.20
N ILE A 312 25.57 28.34 -0.70
CA ILE A 312 25.70 27.41 -1.80
C ILE A 312 27.04 26.73 -1.65
N SER A 313 27.01 25.45 -1.47
CA SER A 313 28.26 24.72 -1.30
C SER A 313 28.17 23.36 -1.95
N ASN A 314 29.22 22.96 -2.68
CA ASN A 314 29.25 21.68 -3.36
C ASN A 314 28.08 21.59 -4.36
N GLY A 315 27.75 22.76 -4.92
CA GLY A 315 26.69 22.85 -5.90
C GLY A 315 25.28 22.76 -5.36
N GLU A 316 25.09 23.05 -4.07
CA GLU A 316 23.76 22.97 -3.51
C GLU A 316 23.32 24.11 -2.64
N VAL A 317 22.01 24.35 -2.62
CA VAL A 317 21.44 25.38 -1.78
C VAL A 317 21.24 24.75 -0.41
N MET A 318 21.89 25.31 0.62
CA MET A 318 21.80 24.83 1.96
C MET A 318 21.27 25.89 2.95
N ILE A 319 20.44 25.46 3.89
CA ILE A 319 19.86 26.38 4.83
C ILE A 319 20.74 26.79 5.99
N VAL A 320 20.78 28.09 6.28
CA VAL A 320 21.55 28.55 7.42
C VAL A 320 20.61 28.61 8.66
N ASP A 321 20.96 27.97 9.74
CA ASP A 321 20.12 28.01 10.93
C ASP A 321 20.32 29.38 11.57
N GLU A 322 19.28 30.16 11.74
CA GLU A 322 19.51 31.46 12.37
C GLU A 322 19.96 31.39 13.80
N PHE A 323 19.97 30.19 14.34
CA PHE A 323 20.39 30.00 15.71
C PHE A 323 21.86 29.88 15.93
N THR A 324 22.58 29.60 14.83
CA THR A 324 24.02 29.40 14.90
C THR A 324 24.76 29.87 13.64
N GLY A 325 24.07 30.15 12.56
CA GLY A 325 24.77 30.59 11.36
C GLY A 325 25.49 29.46 10.70
N ARG A 326 25.17 28.24 11.14
CA ARG A 326 25.77 27.05 10.55
C ARG A 326 24.77 26.44 9.63
N VAL A 327 25.23 25.64 8.67
CA VAL A 327 24.26 25.12 7.76
C VAL A 327 23.46 23.97 8.33
N MET A 328 22.29 23.73 7.75
CA MET A 328 21.44 22.64 8.18
C MET A 328 21.64 21.55 7.15
N ASP A 329 22.66 20.70 7.38
CA ASP A 329 22.93 19.65 6.42
C ASP A 329 21.72 18.76 6.25
N GLY A 330 21.18 18.74 5.04
CA GLY A 330 20.02 17.92 4.77
C GLY A 330 18.78 18.69 4.43
N ARG A 331 18.21 19.34 5.45
CA ARG A 331 17.00 20.15 5.35
C ARG A 331 16.85 20.94 4.08
N ARG A 332 15.63 20.92 3.57
CA ARG A 332 15.30 21.66 2.38
C ARG A 332 14.16 22.58 2.63
N TYR A 333 14.03 23.62 1.79
CA TYR A 333 12.90 24.52 1.92
C TYR A 333 11.62 23.83 1.48
N THR A 334 10.45 24.27 2.00
CA THR A 334 9.18 23.64 1.62
C THR A 334 8.51 24.34 0.41
N ASP A 335 7.51 23.66 -0.19
CA ASP A 335 6.69 24.10 -1.34
C ASP A 335 7.33 24.71 -2.55
N GLY A 336 8.33 24.06 -3.09
CA GLY A 336 8.97 24.58 -4.29
C GLY A 336 9.89 25.72 -4.01
N LEU A 337 9.88 26.22 -2.77
CA LEU A 337 10.80 27.29 -2.46
C LEU A 337 12.27 26.89 -2.69
N HIS A 338 12.63 25.62 -2.38
CA HIS A 338 14.00 25.21 -2.56
C HIS A 338 14.42 25.19 -4.05
N GLN A 339 13.57 24.66 -4.88
CA GLN A 339 13.83 24.63 -6.29
C GLN A 339 13.99 26.04 -6.79
N ALA A 340 13.04 26.94 -6.35
CA ALA A 340 13.05 28.33 -6.65
C ALA A 340 14.43 28.84 -6.41
N ILE A 341 14.99 28.59 -5.23
CA ILE A 341 16.35 29.05 -5.04
C ILE A 341 17.38 28.32 -5.98
N GLU A 342 17.18 27.01 -6.35
CA GLU A 342 18.11 26.31 -7.26
C GLU A 342 18.25 27.08 -8.62
N ALA A 343 17.14 27.35 -9.28
CA ALA A 343 17.01 28.09 -10.53
C ALA A 343 17.61 29.47 -10.39
N LYS A 344 17.29 30.15 -9.27
CA LYS A 344 17.81 31.47 -8.97
C LYS A 344 19.32 31.48 -8.96
N GLU A 345 19.92 30.42 -8.41
CA GLU A 345 21.35 30.37 -8.28
C GLU A 345 22.11 29.67 -9.40
N GLY A 346 21.42 29.09 -10.40
CA GLY A 346 22.11 28.40 -11.47
C GLY A 346 22.47 26.98 -11.08
N VAL A 347 22.01 26.55 -9.88
CA VAL A 347 22.21 25.22 -9.35
C VAL A 347 21.28 24.23 -10.04
N GLU A 348 21.73 22.98 -10.12
CA GLU A 348 21.04 21.83 -10.70
C GLU A 348 19.69 21.66 -10.02
N ILE A 349 18.58 21.95 -10.69
CA ILE A 349 17.32 21.71 -10.00
C ILE A 349 17.10 20.22 -10.00
N LYS A 350 16.39 19.69 -9.01
CA LYS A 350 16.14 18.25 -9.02
C LYS A 350 14.99 17.72 -9.88
N ASN A 351 15.29 16.76 -10.80
CA ASN A 351 14.26 16.11 -11.61
C ASN A 351 13.80 14.81 -10.90
N GLU A 352 13.64 14.85 -9.57
CA GLU A 352 13.24 13.65 -8.82
C GLU A 352 11.81 13.25 -9.14
N SER A 353 11.49 11.93 -9.09
CA SER A 353 10.12 11.54 -9.39
C SER A 353 9.16 12.05 -8.33
N LYS A 354 8.03 12.61 -8.78
CA LYS A 354 7.04 13.20 -7.88
C LYS A 354 5.88 12.32 -7.43
N THR A 355 5.61 12.30 -6.14
CA THR A 355 4.55 11.47 -5.57
C THR A 355 3.23 12.15 -5.33
N MET A 356 2.21 11.84 -6.11
CA MET A 356 0.91 12.48 -5.90
C MET A 356 0.07 11.84 -4.80
N ALA A 357 0.33 10.57 -4.48
CA ALA A 357 -0.43 9.87 -3.46
C ALA A 357 0.29 8.59 -3.06
N THR A 358 0.21 8.20 -1.76
CA THR A 358 0.80 6.98 -1.26
C THR A 358 0.05 6.38 -0.09
N VAL A 359 0.03 5.03 -0.03
CA VAL A 359 -0.55 4.27 1.06
C VAL A 359 0.15 2.93 1.04
N THR A 360 0.40 2.35 2.20
CA THR A 360 1.07 1.04 2.17
C THR A 360 -0.01 -0.08 2.12
N TYR A 361 0.38 -1.34 1.85
CA TYR A 361 -0.58 -2.47 1.82
C TYR A 361 -1.35 -2.54 3.11
N GLN A 362 -0.61 -2.36 4.17
CA GLN A 362 -1.10 -2.44 5.50
C GLN A 362 -2.16 -1.45 5.84
N ASN A 363 -1.92 -0.20 5.48
CA ASN A 363 -2.87 0.84 5.80
C ASN A 363 -4.01 0.72 4.82
N PHE A 364 -3.72 0.28 3.59
CA PHE A 364 -4.82 0.08 2.70
C PHE A 364 -5.73 -1.07 3.09
N PHE A 365 -5.19 -2.21 3.45
CA PHE A 365 -6.09 -3.30 3.81
C PHE A 365 -6.86 -3.05 5.08
N ARG A 366 -6.37 -2.17 5.91
CA ARG A 366 -7.11 -1.84 7.11
C ARG A 366 -8.36 -1.01 6.85
N LEU A 367 -8.44 -0.39 5.64
CA LEU A 367 -9.61 0.41 5.26
C LEU A 367 -10.89 -0.38 5.01
N TYR A 368 -10.79 -1.68 4.76
CA TYR A 368 -11.97 -2.50 4.51
C TYR A 368 -12.87 -2.70 5.77
N GLU A 369 -14.22 -2.69 5.56
CA GLU A 369 -15.19 -2.93 6.61
C GLU A 369 -14.98 -4.37 7.09
N LYS A 370 -14.67 -5.28 6.15
CA LYS A 370 -14.43 -6.67 6.49
C LYS A 370 -13.24 -7.27 5.76
N LEU A 371 -12.24 -7.73 6.52
CA LEU A 371 -10.97 -8.27 6.06
C LEU A 371 -10.83 -9.76 6.28
N SER A 372 -10.08 -10.42 5.39
CA SER A 372 -9.95 -11.86 5.47
C SER A 372 -8.76 -12.31 4.70
N GLY A 373 -8.44 -13.59 4.81
CA GLY A 373 -7.28 -14.06 4.09
C GLY A 373 -6.99 -15.53 4.30
N MET A 374 -6.11 -16.00 3.44
CA MET A 374 -5.74 -17.39 3.49
C MET A 374 -4.29 -17.48 3.29
N THR A 375 -3.78 -18.58 3.75
CA THR A 375 -2.39 -18.90 3.63
C THR A 375 -2.16 -20.23 4.22
N GLY A 376 -0.99 -20.80 3.84
CA GLY A 376 -0.60 -22.12 4.32
C GLY A 376 0.00 -22.02 5.70
N THR A 377 0.47 -20.81 6.07
CA THR A 377 1.09 -20.66 7.38
C THR A 377 0.90 -19.29 7.96
N ALA A 378 0.14 -19.21 9.01
CA ALA A 378 -0.05 -17.93 9.65
C ALA A 378 -0.20 -18.05 11.21
N LYS A 379 -0.46 -19.26 11.80
CA LYS A 379 -0.63 -19.32 13.27
C LYS A 379 0.47 -18.73 14.11
N THR A 380 1.72 -18.84 13.67
CA THR A 380 2.78 -18.28 14.46
C THR A 380 2.78 -16.74 14.52
N GLU A 381 2.22 -16.08 13.51
CA GLU A 381 2.20 -14.62 13.42
C GLU A 381 0.90 -14.06 13.88
N GLU A 382 0.08 -14.94 14.46
CA GLU A 382 -1.21 -14.58 15.00
C GLU A 382 -1.27 -13.37 15.92
N GLY A 383 -0.32 -13.22 16.81
CA GLY A 383 -0.35 -12.07 17.71
C GLY A 383 -0.36 -10.76 16.97
N GLU A 384 0.57 -10.66 16.04
CA GLU A 384 0.70 -9.50 15.16
C GLU A 384 -0.55 -9.39 14.30
N PHE A 385 -1.04 -10.47 13.64
CA PHE A 385 -2.28 -10.34 12.82
C PHE A 385 -3.48 -9.82 13.63
N GLU A 386 -3.55 -10.16 14.93
CA GLU A 386 -4.67 -9.71 15.74
C GLU A 386 -4.42 -8.27 16.17
N SER A 387 -3.18 -7.97 16.42
CA SER A 387 -2.77 -6.66 16.86
C SER A 387 -2.90 -5.61 15.78
N ILE A 388 -2.35 -5.87 14.57
CA ILE A 388 -2.40 -4.91 13.46
C ILE A 388 -3.72 -4.83 12.80
N TYR A 389 -4.36 -5.97 12.50
CA TYR A 389 -5.58 -5.92 11.69
C TYR A 389 -6.83 -6.46 12.27
N LYS A 390 -6.81 -6.91 13.52
CA LYS A 390 -8.00 -7.60 14.02
C LYS A 390 -8.31 -8.82 13.20
N LEU A 391 -7.24 -9.57 12.92
CA LEU A 391 -7.39 -10.82 12.20
C LEU A 391 -6.99 -11.97 13.18
N ASN A 392 -7.77 -13.00 13.25
CA ASN A 392 -7.35 -14.13 14.04
C ASN A 392 -7.21 -15.23 13.11
N VAL A 393 -6.43 -16.20 13.52
CA VAL A 393 -6.15 -17.37 12.72
C VAL A 393 -6.77 -18.56 13.23
N VAL A 394 -7.40 -19.34 12.31
CA VAL A 394 -7.95 -20.66 12.64
C VAL A 394 -7.22 -21.66 11.75
N GLN A 395 -6.73 -22.78 12.32
CA GLN A 395 -6.05 -23.73 11.45
C GLN A 395 -7.02 -24.69 10.91
N ILE A 396 -7.19 -24.66 9.58
CA ILE A 396 -8.12 -25.60 9.04
C ILE A 396 -7.42 -26.98 8.83
N PRO A 397 -7.97 -28.03 9.48
CA PRO A 397 -7.37 -29.37 9.32
C PRO A 397 -7.40 -29.71 7.83
N THR A 398 -6.53 -30.57 7.41
CA THR A 398 -6.44 -30.91 6.02
C THR A 398 -7.49 -31.99 5.62
N ASN A 399 -7.79 -32.10 4.33
CA ASN A 399 -8.76 -33.08 3.82
C ASN A 399 -8.27 -34.48 4.12
N ARG A 400 -6.99 -34.69 3.89
CA ARG A 400 -6.34 -35.94 4.16
C ARG A 400 -5.08 -35.79 5.00
N PRO A 401 -4.65 -36.88 5.68
CA PRO A 401 -3.44 -36.75 6.50
C PRO A 401 -2.16 -36.49 5.71
N VAL A 402 -1.27 -35.74 6.31
CA VAL A 402 -0.01 -35.41 5.69
C VAL A 402 0.99 -36.56 6.00
N ILE A 403 1.48 -37.20 4.95
CA ILE A 403 2.44 -38.29 5.06
C ILE A 403 3.76 -37.92 4.48
N ARG A 404 3.84 -36.73 3.89
CA ARG A 404 5.11 -36.28 3.34
C ARG A 404 6.20 -36.31 4.41
N ALA A 405 7.38 -36.87 4.11
CA ALA A 405 8.48 -36.91 5.07
C ALA A 405 9.28 -35.65 5.00
N ASP A 406 9.25 -34.88 6.09
CA ASP A 406 10.01 -33.64 6.19
C ASP A 406 11.29 -33.99 6.89
N LEU A 407 12.37 -34.22 6.12
CA LEU A 407 13.60 -34.59 6.75
C LEU A 407 14.49 -33.46 7.27
N HIS A 408 15.40 -33.80 8.23
CA HIS A 408 16.33 -32.83 8.81
C HIS A 408 17.36 -32.26 7.78
N ASP A 409 17.79 -31.00 7.97
CA ASP A 409 18.78 -30.35 7.10
C ASP A 409 20.11 -31.11 6.91
N LYS A 410 20.68 -30.99 5.73
CA LYS A 410 21.98 -31.56 5.47
C LYS A 410 22.88 -30.38 5.43
N VAL A 411 23.78 -30.30 6.40
CA VAL A 411 24.65 -29.15 6.50
C VAL A 411 26.07 -29.23 5.94
N PHE A 412 26.53 -28.17 5.33
CA PHE A 412 27.90 -28.14 4.85
C PHE A 412 28.67 -26.88 5.39
N LYS A 413 30.02 -26.96 5.44
CA LYS A 413 30.88 -25.89 5.89
C LYS A 413 30.80 -24.76 4.79
N THR A 414 30.99 -25.11 3.50
CA THR A 414 30.96 -24.12 2.41
C THR A 414 29.85 -24.24 1.40
N GLU A 415 29.42 -23.08 0.93
CA GLU A 415 28.41 -22.99 -0.11
C GLU A 415 28.70 -23.88 -1.35
N GLU A 416 29.97 -24.03 -1.72
CA GLU A 416 30.36 -24.85 -2.85
C GLU A 416 30.21 -26.33 -2.54
N GLU A 417 30.41 -26.73 -1.28
CA GLU A 417 30.24 -28.14 -0.93
C GLU A 417 28.77 -28.45 -1.06
N LYS A 418 27.92 -27.62 -0.43
CA LYS A 418 26.46 -27.76 -0.48
C LYS A 418 25.89 -27.84 -1.88
N TYR A 419 26.26 -26.90 -2.81
CA TYR A 419 25.72 -27.01 -4.15
C TYR A 419 26.16 -28.26 -4.83
N SER A 420 27.43 -28.61 -4.65
CA SER A 420 27.99 -29.84 -5.18
C SER A 420 27.19 -31.01 -4.65
N ALA A 421 26.83 -30.98 -3.34
CA ALA A 421 26.02 -32.05 -2.75
C ALA A 421 24.61 -32.07 -3.31
N VAL A 422 24.05 -30.86 -3.63
CA VAL A 422 22.70 -30.79 -4.18
C VAL A 422 22.68 -31.38 -5.57
N VAL A 423 23.66 -31.03 -6.43
CA VAL A 423 23.72 -31.63 -7.76
C VAL A 423 23.70 -33.17 -7.65
N GLU A 424 24.52 -33.75 -6.76
CA GLU A 424 24.51 -35.19 -6.61
C GLU A 424 23.25 -35.81 -6.10
N GLU A 425 22.61 -35.18 -5.13
CA GLU A 425 21.35 -35.67 -4.65
C GLU A 425 20.31 -35.63 -5.77
N ILE A 426 20.27 -34.52 -6.55
CA ILE A 426 19.32 -34.42 -7.68
C ILE A 426 19.61 -35.55 -8.66
N ILE A 427 20.92 -35.85 -8.95
CA ILE A 427 21.19 -36.96 -9.85
C ILE A 427 20.64 -38.27 -9.27
N ARG A 428 21.09 -38.64 -8.08
CA ARG A 428 20.61 -39.87 -7.52
C ARG A 428 19.10 -40.03 -7.65
N ILE A 429 18.32 -38.98 -7.28
CA ILE A 429 16.87 -39.10 -7.37
C ILE A 429 16.36 -39.13 -8.77
N HIS A 430 16.84 -38.19 -9.60
CA HIS A 430 16.47 -38.12 -11.00
C HIS A 430 16.67 -39.49 -11.59
N LYS A 431 17.75 -40.17 -11.27
CA LYS A 431 17.85 -41.51 -11.89
C LYS A 431 16.72 -42.47 -11.54
N THR A 432 16.12 -42.35 -10.38
CA THR A 432 14.97 -43.22 -10.10
C THR A 432 13.67 -42.67 -10.75
N ARG A 433 13.84 -41.59 -11.57
CA ARG A 433 12.82 -40.76 -12.21
C ARG A 433 11.67 -40.20 -11.38
N GLN A 434 11.98 -39.86 -10.14
CA GLN A 434 11.04 -39.20 -9.25
C GLN A 434 11.11 -37.67 -9.61
N PRO A 435 9.98 -36.93 -9.67
CA PRO A 435 10.13 -35.50 -10.03
C PRO A 435 10.74 -34.69 -8.86
N ILE A 436 11.52 -33.68 -9.20
CA ILE A 436 12.25 -32.87 -8.22
C ILE A 436 11.96 -31.39 -8.30
N LEU A 437 11.51 -30.81 -7.18
CA LEU A 437 11.31 -29.38 -7.12
C LEU A 437 12.42 -28.81 -6.26
N VAL A 438 13.28 -27.98 -6.87
CA VAL A 438 14.38 -27.35 -6.18
C VAL A 438 14.03 -25.90 -5.81
N GLY A 439 14.02 -25.60 -4.51
CA GLY A 439 13.73 -24.25 -4.04
C GLY A 439 15.00 -23.42 -4.06
N THR A 440 14.90 -22.20 -4.56
CA THR A 440 16.05 -21.33 -4.47
C THR A 440 15.64 -19.97 -3.95
N VAL A 441 16.59 -19.23 -3.51
CA VAL A 441 16.45 -17.91 -2.95
C VAL A 441 16.70 -16.72 -3.93
N SER A 442 17.12 -16.96 -5.19
CA SER A 442 17.30 -15.85 -6.16
C SER A 442 17.56 -16.33 -7.58
N VAL A 443 17.30 -15.47 -8.59
CA VAL A 443 17.51 -15.85 -9.99
C VAL A 443 18.94 -16.21 -10.14
N GLU A 444 19.81 -15.56 -9.38
CA GLU A 444 21.24 -15.85 -9.46
C GLU A 444 21.65 -17.20 -8.93
N LYS A 445 20.95 -17.70 -7.90
CA LYS A 445 21.23 -19.01 -7.39
C LYS A 445 20.73 -20.06 -8.31
N SER A 446 19.56 -19.77 -8.88
CA SER A 446 18.93 -20.63 -9.82
C SER A 446 19.86 -20.81 -10.97
N GLU A 447 20.51 -19.72 -11.43
CA GLU A 447 21.41 -19.90 -12.53
C GLU A 447 22.67 -20.63 -12.17
N LYS A 448 23.21 -20.43 -10.95
CA LYS A 448 24.39 -21.17 -10.59
C LYS A 448 24.08 -22.64 -10.61
N LEU A 449 22.96 -23.04 -9.94
CA LEU A 449 22.52 -24.43 -9.90
C LEU A 449 22.28 -25.05 -11.26
N SER A 450 21.56 -24.35 -12.11
CA SER A 450 21.25 -24.76 -13.46
C SER A 450 22.52 -24.96 -14.29
N LYS A 451 23.44 -24.02 -14.20
CA LYS A 451 24.66 -24.23 -14.94
C LYS A 451 25.39 -25.43 -14.43
N MET A 452 25.22 -25.81 -13.12
CA MET A 452 25.88 -27.03 -12.68
C MET A 452 25.17 -28.32 -13.20
N LEU A 453 23.84 -28.28 -13.42
CA LEU A 453 23.16 -29.46 -13.95
C LEU A 453 23.47 -29.61 -15.44
N LYS A 454 23.54 -28.48 -16.16
CA LYS A 454 23.89 -28.51 -17.57
C LYS A 454 25.28 -29.09 -17.74
N LYS A 455 26.18 -28.81 -16.78
CA LYS A 455 27.51 -29.36 -16.81
C LYS A 455 27.41 -30.87 -16.81
N GLN A 456 26.61 -31.45 -15.90
CA GLN A 456 26.51 -32.92 -15.91
C GLN A 456 25.45 -33.52 -16.84
N GLY A 457 25.01 -32.73 -17.84
CA GLY A 457 24.02 -33.19 -18.81
C GLY A 457 22.59 -33.36 -18.34
N ILE A 458 22.19 -32.69 -17.24
CA ILE A 458 20.84 -32.88 -16.73
C ILE A 458 19.76 -31.94 -17.26
N LYS A 459 18.71 -32.51 -17.85
CA LYS A 459 17.65 -31.66 -18.31
C LYS A 459 16.73 -31.21 -17.14
N HIS A 460 16.30 -29.96 -17.22
CA HIS A 460 15.47 -29.33 -16.21
C HIS A 460 15.01 -27.97 -16.71
N GLN A 461 14.11 -27.39 -15.99
CA GLN A 461 13.54 -26.09 -16.31
C GLN A 461 13.79 -25.11 -15.17
N VAL A 462 13.93 -23.81 -15.49
CA VAL A 462 14.17 -22.78 -14.46
C VAL A 462 13.06 -21.73 -14.50
N LEU A 463 12.37 -21.55 -13.36
CA LEU A 463 11.32 -20.56 -13.15
C LEU A 463 11.87 -19.35 -12.34
N ASN A 464 11.97 -18.18 -12.98
CA ASN A 464 12.47 -16.97 -12.35
C ASN A 464 11.45 -15.90 -11.93
N ALA A 465 10.16 -16.25 -11.88
CA ALA A 465 9.03 -15.37 -11.55
C ALA A 465 8.95 -14.12 -12.39
N LYS A 466 9.46 -14.22 -13.61
CA LYS A 466 9.51 -13.15 -14.60
C LYS A 466 8.30 -13.20 -15.49
N GLN A 467 7.80 -14.40 -15.70
CA GLN A 467 6.62 -14.58 -16.50
C GLN A 467 5.67 -15.53 -15.93
N HIS A 468 4.74 -15.01 -15.13
CA HIS A 468 3.86 -15.92 -14.44
C HIS A 468 3.11 -16.96 -15.24
N ASP A 469 2.38 -16.59 -16.30
CA ASP A 469 1.64 -17.58 -17.09
C ASP A 469 2.47 -18.75 -17.64
N LYS A 470 3.58 -18.45 -18.31
CA LYS A 470 4.47 -19.44 -18.91
C LYS A 470 5.07 -20.31 -17.82
N GLU A 471 5.30 -19.75 -16.66
CA GLU A 471 5.91 -20.42 -15.54
C GLU A 471 4.92 -21.30 -14.91
N ALA A 472 3.67 -20.91 -15.05
CA ALA A 472 2.57 -21.65 -14.52
C ALA A 472 2.34 -22.91 -15.28
N GLU A 473 2.35 -22.89 -16.65
CA GLU A 473 2.12 -24.18 -17.30
C GLU A 473 3.25 -25.12 -16.98
N ILE A 474 4.43 -24.58 -16.89
CA ILE A 474 5.57 -25.39 -16.51
C ILE A 474 5.53 -25.91 -15.12
N ILE A 475 5.17 -25.11 -14.14
CA ILE A 475 5.13 -25.72 -12.82
C ILE A 475 4.07 -26.78 -12.74
N SER A 476 3.09 -26.73 -13.62
CA SER A 476 2.05 -27.74 -13.56
C SER A 476 2.44 -29.12 -13.95
N LYS A 477 3.46 -29.21 -14.82
CA LYS A 477 4.05 -30.43 -15.34
C LYS A 477 5.21 -30.92 -14.47
N ALA A 478 5.45 -30.23 -13.36
CA ALA A 478 6.52 -30.55 -12.45
C ALA A 478 6.36 -31.82 -11.63
N GLY A 479 5.21 -32.44 -11.76
CA GLY A 479 4.95 -33.68 -11.05
C GLY A 479 5.05 -34.85 -12.02
N LYS A 480 5.55 -34.58 -13.25
CA LYS A 480 5.72 -35.63 -14.28
C LYS A 480 6.91 -36.55 -13.95
N LEU A 481 7.01 -37.72 -14.61
CA LEU A 481 8.07 -38.68 -14.37
C LEU A 481 9.54 -38.16 -14.38
N ASP A 482 10.07 -37.51 -15.41
CA ASP A 482 11.47 -37.11 -15.18
C ASP A 482 11.64 -35.62 -14.90
N ALA A 483 10.66 -35.05 -14.21
CA ALA A 483 10.63 -33.62 -14.02
C ALA A 483 11.63 -33.01 -13.04
N ILE A 484 12.46 -32.03 -13.50
CA ILE A 484 13.38 -31.29 -12.62
C ILE A 484 13.07 -29.80 -12.76
N THR A 485 12.68 -29.13 -11.67
CA THR A 485 12.33 -27.72 -11.76
C THR A 485 13.04 -26.86 -10.74
N ILE A 486 13.80 -25.85 -11.20
CA ILE A 486 14.47 -24.98 -10.25
C ILE A 486 13.55 -23.78 -10.06
N ALA A 487 13.14 -23.53 -8.83
CA ALA A 487 12.23 -22.42 -8.64
C ALA A 487 12.59 -21.42 -7.60
N THR A 488 12.67 -20.18 -8.02
CA THR A 488 12.97 -19.13 -7.07
C THR A 488 11.78 -18.99 -6.13
N ASN A 489 12.06 -18.52 -4.94
CA ASN A 489 11.08 -18.36 -3.89
C ASN A 489 9.75 -17.68 -4.32
N MET A 490 9.76 -16.83 -5.35
CA MET A 490 8.53 -16.19 -5.82
C MET A 490 8.00 -16.67 -7.21
N ALA A 491 8.35 -17.91 -7.62
CA ALA A 491 7.94 -18.45 -8.90
C ALA A 491 7.04 -19.66 -8.78
N GLY A 492 5.90 -19.64 -9.48
CA GLY A 492 5.00 -20.77 -9.45
C GLY A 492 4.02 -20.89 -8.30
N ARG A 493 3.78 -19.82 -7.60
CA ARG A 493 2.80 -19.86 -6.51
C ARG A 493 1.35 -19.88 -7.06
N GLY A 494 0.40 -20.46 -6.31
CA GLY A 494 -0.98 -20.54 -6.77
C GLY A 494 -1.32 -21.63 -7.77
N THR A 495 -0.34 -22.41 -8.21
CA THR A 495 -0.60 -23.51 -9.13
C THR A 495 -0.23 -24.77 -8.47
N ASP A 496 -1.05 -25.75 -8.57
CA ASP A 496 -0.71 -27.00 -7.90
C ASP A 496 0.17 -27.89 -8.73
N ILE A 497 1.03 -28.67 -8.07
CA ILE A 497 1.91 -29.63 -8.73
C ILE A 497 1.24 -31.01 -8.51
N SER A 498 0.42 -31.42 -9.48
CA SER A 498 -0.28 -32.69 -9.45
C SER A 498 0.66 -33.77 -9.91
N LEU A 499 0.74 -34.86 -9.15
CA LEU A 499 1.60 -35.97 -9.53
C LEU A 499 1.08 -36.61 -10.85
N GLY A 500 1.89 -36.63 -11.92
CA GLY A 500 1.46 -37.21 -13.17
C GLY A 500 0.77 -36.26 -14.14
N ALA A 501 0.67 -34.98 -13.76
CA ALA A 501 0.08 -33.93 -14.58
C ALA A 501 -1.28 -34.23 -15.25
N GLY A 502 -2.15 -34.96 -14.57
CA GLY A 502 -3.44 -35.26 -15.17
C GLY A 502 -3.54 -36.61 -15.84
N ASP A 503 -2.61 -37.51 -15.53
CA ASP A 503 -2.62 -38.86 -16.07
C ASP A 503 -2.75 -39.82 -14.89
N LYS A 504 -3.78 -40.66 -14.88
CA LYS A 504 -3.99 -41.58 -13.77
C LYS A 504 -2.92 -42.64 -13.70
N GLU A 505 -2.40 -43.03 -14.86
CA GLU A 505 -1.34 -43.99 -14.93
C GLU A 505 -0.07 -43.34 -14.48
N GLU A 506 0.24 -42.16 -15.04
CA GLU A 506 1.47 -41.52 -14.60
C GLU A 506 1.43 -41.11 -13.15
N GLU A 507 0.25 -40.69 -12.64
CA GLU A 507 0.11 -40.29 -11.25
C GLU A 507 0.33 -41.41 -10.32
N GLN A 508 -0.34 -42.56 -10.51
CA GLN A 508 -0.07 -43.64 -9.56
C GLN A 508 1.34 -44.13 -9.67
N GLU A 509 1.92 -44.07 -10.87
CA GLU A 509 3.29 -44.48 -11.06
C GLU A 509 4.24 -43.53 -10.27
N VAL A 510 4.26 -42.23 -10.61
CA VAL A 510 5.04 -41.24 -9.87
C VAL A 510 4.67 -41.36 -8.34
N LYS A 511 3.43 -41.61 -8.02
CA LYS A 511 3.04 -41.74 -6.61
C LYS A 511 3.68 -42.93 -5.97
N ASP A 512 3.80 -44.06 -6.75
CA ASP A 512 4.42 -45.32 -6.30
C ASP A 512 5.86 -45.02 -5.91
N LEU A 513 6.46 -44.15 -6.73
CA LEU A 513 7.84 -43.70 -6.57
C LEU A 513 8.12 -42.78 -5.37
N GLY A 514 7.06 -42.30 -4.64
CA GLY A 514 7.34 -41.43 -3.49
C GLY A 514 6.87 -39.99 -3.63
N GLY A 515 6.12 -39.72 -4.72
CA GLY A 515 5.58 -38.39 -4.97
C GLY A 515 6.60 -37.35 -5.36
N LEU A 516 6.30 -36.07 -5.10
CA LEU A 516 7.25 -35.06 -5.49
C LEU A 516 8.33 -34.92 -4.45
N TYR A 517 9.57 -34.87 -4.93
CA TYR A 517 10.68 -34.64 -4.03
C TYR A 517 11.08 -33.14 -3.93
N VAL A 518 11.04 -32.57 -2.71
CA VAL A 518 11.40 -31.17 -2.47
C VAL A 518 12.75 -30.90 -1.86
N ILE A 519 13.60 -30.18 -2.61
CA ILE A 519 14.91 -29.81 -2.11
C ILE A 519 15.07 -28.31 -1.91
N GLY A 520 15.39 -27.88 -0.69
CA GLY A 520 15.67 -26.48 -0.43
C GLY A 520 17.16 -26.18 -0.48
N THR A 521 17.61 -25.06 -1.05
CA THR A 521 19.06 -24.78 -1.06
C THR A 521 19.53 -23.72 -0.11
N GLU A 522 18.61 -23.23 0.73
CA GLU A 522 18.96 -22.24 1.75
C GLU A 522 17.81 -22.10 2.67
N ARG A 523 18.07 -21.77 3.89
CA ARG A 523 17.00 -21.51 4.82
C ARG A 523 16.62 -20.06 4.62
N HIS A 524 15.35 -19.74 4.75
CA HIS A 524 14.83 -18.41 4.46
C HIS A 524 14.79 -17.46 5.65
N GLU A 525 14.35 -16.23 5.44
CA GLU A 525 14.33 -15.41 6.61
C GLU A 525 13.25 -15.80 7.58
N SER A 526 12.46 -16.75 7.18
CA SER A 526 11.50 -17.23 8.15
C SER A 526 11.18 -18.66 7.92
N ARG A 527 10.81 -19.31 8.97
CA ARG A 527 10.39 -20.70 8.93
C ARG A 527 9.11 -20.88 8.14
N ARG A 528 8.30 -19.82 8.05
CA ARG A 528 7.11 -19.92 7.24
C ARG A 528 7.45 -20.20 5.78
N ILE A 529 8.39 -19.44 5.17
CA ILE A 529 8.73 -19.65 3.78
C ILE A 529 9.33 -21.05 3.59
N ASP A 530 10.14 -21.50 4.57
CA ASP A 530 10.65 -22.87 4.55
C ASP A 530 9.47 -23.84 4.43
N ASN A 531 8.45 -23.66 5.31
CA ASN A 531 7.26 -24.50 5.26
C ASN A 531 6.46 -24.41 3.92
N GLN A 532 6.41 -23.24 3.34
CA GLN A 532 5.74 -23.03 2.07
C GLN A 532 6.45 -23.83 0.97
N LEU A 533 7.79 -23.97 1.03
CA LEU A 533 8.50 -24.76 -0.02
C LEU A 533 8.18 -26.24 0.25
N ARG A 534 8.26 -26.66 1.55
CA ARG A 534 7.90 -28.04 1.84
C ARG A 534 6.51 -28.33 1.35
N GLY A 535 5.59 -27.37 1.51
CA GLY A 535 4.18 -27.58 1.14
C GLY A 535 3.92 -27.88 -0.29
N ARG A 536 4.90 -27.52 -1.13
CA ARG A 536 4.80 -27.89 -2.49
C ARG A 536 4.66 -29.38 -2.77
N SER A 537 5.00 -30.25 -1.83
CA SER A 537 4.80 -31.67 -2.11
C SER A 537 3.99 -32.23 -0.95
N GLY A 538 3.43 -33.45 -1.12
CA GLY A 538 2.62 -34.07 -0.08
C GLY A 538 1.20 -33.55 -0.10
N ARG A 539 0.73 -33.02 -1.23
CA ARG A 539 -0.61 -32.48 -1.20
C ARG A 539 -1.70 -33.50 -1.19
N GLN A 540 -2.76 -33.14 -0.52
CA GLN A 540 -3.95 -33.96 -0.33
C GLN A 540 -3.76 -35.45 -0.04
N GLY A 541 -2.88 -35.77 0.93
CA GLY A 541 -2.68 -37.16 1.31
C GLY A 541 -1.52 -37.86 0.62
N ASP A 542 -1.12 -37.31 -0.52
CA ASP A 542 0.00 -37.80 -1.33
C ASP A 542 1.35 -37.90 -0.63
N PRO A 543 2.16 -38.84 -1.13
CA PRO A 543 3.48 -38.96 -0.51
C PRO A 543 4.39 -37.91 -1.07
N GLY A 544 5.52 -37.77 -0.41
CA GLY A 544 6.48 -36.79 -0.86
C GLY A 544 7.54 -36.71 0.19
N THR A 545 8.58 -36.02 -0.17
CA THR A 545 9.64 -35.88 0.79
C THR A 545 10.22 -34.53 0.58
N SER A 546 10.77 -33.92 1.62
CA SER A 546 11.47 -32.64 1.45
C SER A 546 12.64 -32.57 2.37
N ARG A 547 13.67 -31.84 1.97
CA ARG A 547 14.85 -31.63 2.79
C ARG A 547 15.54 -30.38 2.39
N PHE A 548 16.25 -29.74 3.36
CA PHE A 548 17.02 -28.52 3.08
C PHE A 548 18.51 -28.73 3.07
N PHE A 549 19.18 -28.34 2.00
CA PHE A 549 20.64 -28.39 2.01
C PHE A 549 21.13 -26.93 2.29
N VAL A 550 22.00 -26.74 3.29
CA VAL A 550 22.50 -25.44 3.76
C VAL A 550 23.99 -25.49 4.03
N SER A 551 24.57 -24.34 4.35
CA SER A 551 25.99 -24.31 4.68
C SER A 551 26.29 -23.09 5.49
N LEU A 552 27.34 -23.14 6.32
CA LEU A 552 27.73 -22.01 7.16
C LEU A 552 27.89 -20.65 6.43
N GLU A 553 28.24 -20.63 5.12
CA GLU A 553 28.39 -19.41 4.32
C GLU A 553 27.05 -18.73 3.89
N ASP A 554 25.93 -19.48 3.89
CA ASP A 554 24.59 -18.99 3.60
C ASP A 554 24.32 -17.77 4.45
N ASP A 555 23.59 -16.83 3.93
CA ASP A 555 23.26 -15.58 4.61
C ASP A 555 22.74 -15.70 6.02
N VAL A 556 21.65 -16.46 6.23
CA VAL A 556 21.14 -16.52 7.58
C VAL A 556 22.11 -17.08 8.58
N ILE A 557 22.83 -18.15 8.19
CA ILE A 557 23.79 -18.77 9.08
C ILE A 557 24.90 -17.78 9.37
N LYS A 558 25.47 -17.16 8.35
CA LYS A 558 26.57 -16.23 8.50
C LYS A 558 26.28 -14.86 9.10
N LEU A 559 25.12 -14.27 8.82
CA LEU A 559 24.83 -12.97 9.36
C LEU A 559 24.20 -13.01 10.68
N TYR A 560 23.54 -14.10 11.06
CA TYR A 560 22.88 -14.05 12.38
C TYR A 560 23.15 -15.19 13.32
N GLY A 561 24.02 -16.11 12.93
CA GLY A 561 24.28 -17.28 13.75
C GLY A 561 25.22 -17.08 14.92
N GLY A 562 25.97 -15.95 14.90
CA GLY A 562 26.86 -15.65 16.01
C GLY A 562 28.21 -16.33 16.17
N LYS A 563 28.77 -16.17 17.38
CA LYS A 563 30.09 -16.71 17.70
C LYS A 563 30.33 -18.18 17.36
N THR A 564 29.41 -19.09 17.71
CA THR A 564 29.61 -20.47 17.29
C THR A 564 29.95 -20.62 15.77
N ILE A 565 29.16 -19.97 14.89
CA ILE A 565 29.43 -20.06 13.44
C ILE A 565 30.74 -19.41 13.07
N GLU A 566 31.01 -18.25 13.65
CA GLU A 566 32.23 -17.48 13.42
C GLU A 566 33.44 -18.33 13.74
N LYS A 567 33.42 -18.99 14.89
CA LYS A 567 34.50 -19.87 15.25
C LYS A 567 34.65 -20.99 14.19
N LEU A 568 33.53 -21.60 13.82
CA LEU A 568 33.55 -22.68 12.83
C LEU A 568 34.11 -22.30 11.49
N MET A 569 33.76 -21.11 11.01
CA MET A 569 34.28 -20.66 9.72
C MET A 569 35.76 -20.35 9.82
N LYS A 570 36.27 -20.03 11.04
CA LYS A 570 37.69 -19.71 11.23
C LYS A 570 38.59 -20.93 11.21
N ARG A 571 38.06 -22.07 11.65
CA ARG A 571 38.83 -23.29 11.64
C ARG A 571 39.38 -23.66 10.28
N THR A 572 40.49 -24.39 10.34
CA THR A 572 41.21 -24.91 9.19
C THR A 572 40.33 -25.90 8.45
N SER A 573 40.03 -25.61 7.20
CA SER A 573 39.16 -26.47 6.40
C SER A 573 39.66 -27.91 6.28
N SER A 574 38.86 -28.85 6.81
CA SER A 574 39.19 -30.25 6.72
C SER A 574 37.97 -31.04 6.15
N ASN A 575 38.20 -32.29 5.71
CA ASN A 575 37.16 -33.19 5.21
C ASN A 575 36.14 -32.66 4.23
N GLU A 576 36.63 -32.21 3.09
CA GLU A 576 35.81 -31.66 2.04
C GLU A 576 34.70 -32.60 1.60
N ASN A 577 33.50 -32.03 1.43
CA ASN A 577 32.26 -32.69 1.03
C ASN A 577 31.52 -33.53 2.11
N THR A 578 32.15 -33.85 3.23
CA THR A 578 31.42 -34.56 4.28
C THR A 578 30.46 -33.59 4.98
N ALA A 579 29.24 -34.03 5.26
CA ALA A 579 28.25 -33.21 5.96
C ALA A 579 28.63 -32.97 7.40
N ILE A 580 28.21 -31.86 7.99
CA ILE A 580 28.53 -31.55 9.38
C ILE A 580 27.27 -31.67 10.20
N GLU A 581 27.40 -32.07 11.45
CA GLU A 581 26.25 -32.20 12.34
C GLU A 581 26.68 -32.48 13.73
N SER A 582 25.90 -31.98 14.66
CA SER A 582 26.10 -32.12 16.09
C SER A 582 24.92 -31.40 16.71
N LYS A 583 24.54 -31.67 17.99
CA LYS A 583 23.42 -30.91 18.51
C LYS A 583 23.74 -29.45 18.62
N ALA A 584 25.00 -29.12 18.94
CA ALA A 584 25.34 -27.71 19.10
C ALA A 584 25.38 -26.96 17.77
N LEU A 585 25.63 -27.67 16.68
CA LEU A 585 25.58 -27.07 15.36
C LEU A 585 24.10 -26.82 15.04
N THR A 586 23.25 -27.79 15.35
CA THR A 586 21.83 -27.64 15.16
C THR A 586 21.23 -26.56 16.06
N ARG A 587 21.70 -26.38 17.31
CA ARG A 587 21.09 -25.29 18.07
C ARG A 587 21.53 -23.97 17.42
N ALA A 588 22.82 -23.82 17.08
CA ALA A 588 23.14 -22.54 16.50
C ALA A 588 22.49 -22.28 15.10
N ILE A 589 22.16 -23.34 14.33
CA ILE A 589 21.54 -23.03 13.03
C ILE A 589 20.11 -22.51 13.32
N GLU A 590 19.35 -23.21 14.15
CA GLU A 590 18.03 -22.76 14.49
C GLU A 590 17.98 -21.44 15.11
N ARG A 591 18.91 -21.17 16.00
CA ARG A 591 18.94 -19.88 16.63
C ARG A 591 19.14 -18.73 15.70
N ALA A 592 19.93 -18.91 14.68
CA ALA A 592 20.18 -17.89 13.70
C ALA A 592 18.93 -17.49 12.98
N GLN A 593 18.18 -18.46 12.55
CA GLN A 593 16.93 -18.20 11.83
C GLN A 593 15.97 -17.40 12.68
N LYS A 594 15.75 -17.81 14.00
CA LYS A 594 14.87 -17.04 14.87
C LYS A 594 15.41 -15.62 15.07
N GLY A 595 16.74 -15.46 15.03
CA GLY A 595 17.33 -14.13 15.16
C GLY A 595 16.86 -13.18 14.05
N VAL A 596 16.88 -13.64 12.81
CA VAL A 596 16.45 -12.76 11.75
C VAL A 596 14.91 -12.58 11.79
N GLU A 597 14.23 -13.58 12.28
CA GLU A 597 12.81 -13.54 12.48
C GLU A 597 12.51 -12.49 13.57
N GLY A 598 13.34 -12.50 14.63
CA GLY A 598 13.18 -11.56 15.75
C GLY A 598 13.46 -10.14 15.34
N LYS A 599 14.58 -9.94 14.67
CA LYS A 599 14.98 -8.65 14.16
C LYS A 599 13.88 -8.10 13.22
N ASN A 600 13.52 -8.82 12.15
CA ASN A 600 12.48 -8.42 11.21
C ASN A 600 11.18 -8.02 11.87
N PHE A 601 10.79 -8.81 12.88
CA PHE A 601 9.65 -8.54 13.69
C PHE A 601 9.83 -7.22 14.40
N GLU A 602 10.99 -7.03 15.04
CA GLU A 602 11.21 -5.81 15.79
C GLU A 602 11.34 -4.55 14.98
N ILE A 603 11.91 -4.67 13.80
CA ILE A 603 11.98 -3.57 12.84
C ILE A 603 10.56 -3.17 12.39
N ARG A 604 9.68 -4.17 12.16
CA ARG A 604 8.29 -3.95 11.74
C ARG A 604 7.57 -3.08 12.73
N LYS A 605 7.65 -3.50 13.99
CA LYS A 605 7.10 -2.81 15.15
C LYS A 605 7.56 -1.35 15.23
N ASN A 606 8.85 -1.10 15.05
CA ASN A 606 9.36 0.26 15.10
C ASN A 606 8.92 1.12 13.93
N VAL A 607 9.00 0.61 12.68
CA VAL A 607 8.55 1.41 11.55
C VAL A 607 7.06 1.65 11.59
N LEU A 608 6.34 0.80 12.35
CA LEU A 608 4.89 0.94 12.44
C LEU A 608 4.49 2.30 12.99
N LYS A 609 5.12 2.76 14.09
CA LYS A 609 4.73 4.08 14.59
C LYS A 609 5.07 5.29 13.57
N TYR A 610 6.16 5.19 12.80
CA TYR A 610 6.45 6.19 11.76
C TYR A 610 5.33 6.18 10.67
N ASP A 611 4.96 5.00 10.24
CA ASP A 611 3.91 4.76 9.28
C ASP A 611 2.54 5.22 9.80
N ASP A 612 2.16 4.86 11.05
CA ASP A 612 0.89 5.31 11.60
C ASP A 612 0.81 6.82 11.60
N THR A 613 1.86 7.53 12.00
CA THR A 613 1.79 8.97 11.96
C THR A 613 1.42 9.57 10.55
N ILE A 614 1.99 9.05 9.44
CA ILE A 614 1.60 9.69 8.16
C ILE A 614 0.23 9.25 7.74
N ASN A 615 -0.12 8.01 8.12
CA ASN A 615 -1.40 7.35 7.86
C ASN A 615 -2.53 8.16 8.51
N GLU A 616 -2.38 8.57 9.81
CA GLU A 616 -3.38 9.41 10.52
C GLU A 616 -3.54 10.77 9.96
N GLN A 617 -2.43 11.36 9.49
CA GLN A 617 -2.51 12.63 8.77
C GLN A 617 -3.34 12.39 7.51
N ARG A 618 -2.91 11.46 6.71
CA ARG A 618 -3.57 11.14 5.45
C ARG A 618 -5.05 10.87 5.56
N LYS A 619 -5.55 10.26 6.71
CA LYS A 619 -6.96 9.97 6.78
C LYS A 619 -7.69 11.25 6.94
N VAL A 620 -7.21 12.14 7.81
CA VAL A 620 -7.83 13.45 7.94
C VAL A 620 -7.88 14.21 6.60
N ILE A 621 -6.76 14.39 5.94
CA ILE A 621 -6.84 15.09 4.65
C ILE A 621 -7.77 14.40 3.64
N TYR A 622 -7.71 13.07 3.49
CA TYR A 622 -8.64 12.39 2.57
C TYR A 622 -10.08 12.48 2.95
N ASN A 623 -10.40 12.44 4.24
CA ASN A 623 -11.81 12.58 4.61
C ASN A 623 -12.34 13.93 4.17
N GLU A 624 -11.56 14.99 4.45
CA GLU A 624 -11.88 16.35 4.06
C GLU A 624 -12.03 16.44 2.57
N ARG A 625 -10.98 16.04 1.84
CA ARG A 625 -11.01 16.02 0.38
C ARG A 625 -12.30 15.34 -0.09
N ASN A 626 -12.71 14.22 0.57
CA ASN A 626 -13.96 13.57 0.15
C ASN A 626 -15.17 14.34 0.50
N LYS A 627 -15.16 15.00 1.67
CA LYS A 627 -16.30 15.82 2.07
C LYS A 627 -16.60 16.82 0.97
N VAL A 628 -15.55 17.35 0.35
CA VAL A 628 -15.67 18.30 -0.75
C VAL A 628 -16.23 17.63 -1.96
N LEU A 629 -15.60 16.53 -2.36
CA LEU A 629 -15.99 15.74 -3.50
C LEU A 629 -17.47 15.36 -3.53
N ASN A 630 -18.08 15.08 -2.35
CA ASN A 630 -19.48 14.63 -2.15
C ASN A 630 -20.50 15.67 -1.58
N ASP A 631 -20.19 16.95 -1.62
CA ASP A 631 -20.95 18.03 -1.01
C ASP A 631 -21.40 18.04 0.43
N GLU A 632 -22.70 17.83 0.68
CA GLU A 632 -23.34 17.91 1.98
C GLU A 632 -23.44 19.42 2.31
N ASP A 633 -22.28 20.09 2.47
CA ASP A 633 -22.10 21.52 2.75
C ASP A 633 -20.75 21.83 3.34
N ILE A 634 -19.94 22.61 2.64
CA ILE A 634 -18.64 23.05 3.11
C ILE A 634 -18.60 24.58 3.36
N GLN A 635 -19.71 25.26 3.27
CA GLN A 635 -19.68 26.69 3.49
C GLN A 635 -19.39 27.08 4.92
N GLU A 636 -19.78 26.27 5.90
CA GLU A 636 -19.45 26.63 7.27
C GLU A 636 -17.98 26.44 7.54
N ASP A 637 -17.41 25.40 6.91
CA ASP A 637 -16.00 25.09 6.97
C ASP A 637 -15.21 26.25 6.37
N ILE A 638 -15.75 26.90 5.32
CA ILE A 638 -15.03 28.07 4.80
C ILE A 638 -15.15 29.19 5.83
N GLN A 639 -16.33 29.32 6.47
CA GLN A 639 -16.48 30.34 7.50
C GLN A 639 -15.65 30.08 8.76
N LYS A 640 -15.35 28.79 9.05
CA LYS A 640 -14.50 28.50 10.17
C LYS A 640 -13.04 28.92 9.80
N MET A 641 -12.55 28.59 8.58
CA MET A 641 -11.22 29.01 8.14
C MET A 641 -11.12 30.52 8.20
N VAL A 642 -12.12 31.24 7.70
CA VAL A 642 -12.06 32.68 7.77
C VAL A 642 -11.90 33.18 9.22
N LYS A 643 -12.69 32.66 10.16
CA LYS A 643 -12.59 33.05 11.57
C LYS A 643 -11.21 32.71 12.15
N ASP A 644 -10.70 31.53 11.79
CA ASP A 644 -9.42 30.99 12.19
C ASP A 644 -8.33 31.93 11.91
N ILE A 645 -8.22 32.35 10.64
CA ILE A 645 -7.20 33.28 10.22
C ILE A 645 -7.25 34.56 11.10
N ILE A 646 -8.47 35.12 11.32
CA ILE A 646 -8.70 36.31 12.16
C ILE A 646 -8.24 36.16 13.63
N GLN A 647 -8.61 35.05 14.27
CA GLN A 647 -8.23 34.74 15.65
C GLN A 647 -6.70 34.70 15.72
N GLU A 648 -6.06 33.93 14.78
CA GLU A 648 -4.61 33.81 14.73
C GLU A 648 -3.93 35.17 14.59
N ALA A 649 -4.43 36.05 13.67
CA ALA A 649 -3.87 37.39 13.49
C ALA A 649 -4.14 38.19 14.74
N GLY A 650 -5.26 37.92 15.37
CA GLY A 650 -5.58 38.64 16.60
C GLY A 650 -4.55 38.38 17.68
N GLU A 651 -4.20 37.12 17.79
CA GLU A 651 -3.27 36.59 18.76
C GLU A 651 -1.84 37.03 18.42
N THR A 652 -1.43 36.91 17.15
CA THR A 652 -0.10 37.33 16.78
C THR A 652 0.11 38.83 16.96
N TYR A 653 -0.77 39.64 16.35
CA TYR A 653 -0.55 41.07 16.40
C TYR A 653 -1.22 41.86 17.52
N LEU A 654 -2.50 41.67 17.75
CA LEU A 654 -3.13 42.45 18.80
C LEU A 654 -2.69 42.06 20.20
N ILE A 655 -2.29 40.82 20.42
CA ILE A 655 -1.84 40.42 21.74
C ILE A 655 -0.33 40.19 21.75
N GLY A 656 0.19 39.37 20.81
CA GLY A 656 1.61 39.09 20.80
C GLY A 656 2.44 40.34 20.65
N ARG A 657 1.87 41.33 19.96
CA ARG A 657 2.59 42.56 19.73
C ARG A 657 1.97 43.77 20.36
N LYS A 658 0.90 43.59 21.20
CA LYS A 658 0.27 44.71 21.89
C LYS A 658 -0.36 45.71 20.99
N ARG A 659 -1.55 45.34 20.55
CA ARG A 659 -2.37 46.13 19.68
C ARG A 659 -1.62 46.78 18.57
N ASP A 660 -0.78 46.00 17.86
CA ASP A 660 -0.06 46.54 16.70
C ASP A 660 -1.09 46.62 15.54
N TYR A 661 -2.09 47.49 15.63
CA TYR A 661 -3.06 47.56 14.56
C TYR A 661 -2.41 47.66 13.18
N TYR A 662 -1.43 48.53 12.98
CA TYR A 662 -0.85 48.58 11.62
C TYR A 662 -0.50 47.19 11.06
N GLY A 663 0.09 46.36 11.92
CA GLY A 663 0.46 44.99 11.53
C GLY A 663 -0.69 44.03 11.44
N TYR A 664 -1.67 44.15 12.36
CA TYR A 664 -2.86 43.30 12.32
C TYR A 664 -3.56 43.48 11.00
N PHE A 665 -3.78 44.71 10.59
CA PHE A 665 -4.44 44.95 9.32
C PHE A 665 -3.53 44.72 8.13
N LYS A 666 -2.22 45.00 8.23
CA LYS A 666 -1.37 44.79 7.06
C LYS A 666 -1.30 43.31 6.77
N HIS A 667 -1.33 42.49 7.86
CA HIS A 667 -1.31 41.04 7.71
C HIS A 667 -2.62 40.51 7.09
N LEU A 668 -3.80 40.92 7.65
CA LEU A 668 -5.10 40.52 7.11
C LEU A 668 -5.23 40.95 5.65
N TYR A 669 -4.74 42.10 5.31
CA TYR A 669 -4.76 42.54 3.92
C TYR A 669 -3.87 41.71 3.02
N SER A 670 -2.66 41.33 3.47
CA SER A 670 -1.82 40.56 2.54
C SER A 670 -2.33 39.12 2.37
N THR A 671 -3.01 38.62 3.42
CA THR A 671 -3.59 37.27 3.47
C THR A 671 -4.82 37.06 2.60
N PHE A 672 -5.87 37.91 2.75
CA PHE A 672 -7.07 37.70 1.99
C PHE A 672 -8.02 38.88 1.81
N MET A 673 -7.93 39.90 2.68
CA MET A 673 -8.84 41.04 2.55
C MET A 673 -8.52 42.05 1.46
N PRO A 674 -9.54 42.44 0.70
CA PRO A 674 -9.31 43.42 -0.36
C PRO A 674 -8.92 44.73 0.23
N ALA A 675 -8.19 45.52 -0.57
CA ALA A 675 -7.67 46.82 -0.12
C ALA A 675 -8.69 47.77 0.51
N ASP A 676 -8.26 48.56 1.44
CA ASP A 676 -9.09 49.54 2.14
C ASP A 676 -10.43 49.12 2.75
N THR A 677 -10.57 47.88 3.23
CA THR A 677 -11.85 47.50 3.86
C THR A 677 -11.81 47.51 5.35
N LEU A 678 -10.62 47.32 5.94
CA LEU A 678 -10.44 47.24 7.39
C LEU A 678 -10.51 48.53 8.22
N LEU A 679 -11.69 49.13 8.26
CA LEU A 679 -11.92 50.35 9.01
C LEU A 679 -12.76 50.06 10.23
N ILE A 680 -12.16 50.11 11.42
CA ILE A 680 -12.89 49.89 12.65
C ILE A 680 -12.82 51.13 13.55
N PRO A 681 -13.96 51.65 14.04
CA PRO A 681 -13.73 52.82 14.89
C PRO A 681 -13.85 52.39 16.34
N GLY A 682 -13.50 53.25 17.29
CA GLY A 682 -13.61 52.87 18.69
C GLY A 682 -12.41 52.07 19.12
N VAL A 683 -11.54 51.74 18.16
CA VAL A 683 -10.30 51.03 18.45
C VAL A 683 -9.59 51.87 19.50
N ASP A 684 -8.75 51.25 20.34
CA ASP A 684 -8.13 51.91 21.50
C ASP A 684 -9.33 51.96 22.43
N LYS A 685 -9.38 51.01 23.36
CA LYS A 685 -10.49 50.85 24.28
C LYS A 685 -11.70 50.27 23.61
N LYS A 686 -11.40 49.12 23.04
CA LYS A 686 -12.22 48.19 22.30
C LYS A 686 -11.48 46.89 22.54
N SER A 687 -12.09 45.91 23.21
CA SER A 687 -11.38 44.68 23.48
C SER A 687 -10.91 43.95 22.24
N VAL A 688 -9.90 43.08 22.40
CA VAL A 688 -9.32 42.34 21.29
C VAL A 688 -10.37 41.46 20.60
N GLN A 689 -11.27 40.86 21.38
CA GLN A 689 -12.29 40.03 20.77
C GLN A 689 -13.22 40.80 19.87
N GLU A 690 -13.72 41.97 20.31
CA GLU A 690 -14.59 42.75 19.42
C GLU A 690 -13.75 43.30 18.26
N ILE A 691 -12.47 43.31 18.39
CA ILE A 691 -11.75 43.77 17.21
C ILE A 691 -11.77 42.63 16.19
N ILE A 692 -11.81 41.38 16.70
CA ILE A 692 -11.87 40.20 15.82
C ILE A 692 -13.30 40.02 15.32
N ASP A 693 -14.30 40.19 16.20
CA ASP A 693 -15.70 40.09 15.83
C ASP A 693 -16.04 41.12 14.75
N SER A 694 -15.59 42.35 14.95
CA SER A 694 -15.82 43.44 14.03
C SER A 694 -15.15 43.21 12.70
N THR A 695 -13.92 42.70 12.74
CA THR A 695 -13.15 42.39 11.53
C THR A 695 -13.92 41.31 10.72
N TYR A 696 -14.51 40.33 11.44
CA TYR A 696 -15.26 39.26 10.83
C TYR A 696 -16.49 39.75 10.12
N GLU A 697 -17.18 40.71 10.72
CA GLU A 697 -18.37 41.29 10.08
C GLU A 697 -17.95 41.99 8.77
N ILE A 698 -16.79 42.64 8.76
CA ILE A 698 -16.32 43.26 7.50
C ILE A 698 -16.06 42.21 6.46
N SER A 699 -15.55 41.02 6.89
CA SER A 699 -15.33 39.92 5.94
C SER A 699 -16.67 39.46 5.29
N LYS A 700 -17.70 39.30 6.13
CA LYS A 700 -19.04 38.91 5.71
C LYS A 700 -19.61 39.85 4.68
N ARG A 701 -19.39 41.15 4.82
CA ARG A 701 -19.82 42.10 3.81
C ARG A 701 -18.98 41.99 2.51
N VAL A 702 -17.68 41.59 2.59
CA VAL A 702 -16.88 41.36 1.36
C VAL A 702 -17.53 40.22 0.63
N TYR A 703 -17.92 39.21 1.38
CA TYR A 703 -18.52 38.03 0.82
C TYR A 703 -20.01 38.25 0.42
N ASP A 704 -20.69 39.21 1.06
CA ASP A 704 -22.04 39.54 0.66
C ASP A 704 -21.91 40.20 -0.78
N LEU A 705 -20.83 40.99 -1.02
CA LEU A 705 -20.66 41.63 -2.32
C LEU A 705 -20.47 40.56 -3.34
N LYS A 706 -19.63 39.57 -3.00
CA LYS A 706 -19.42 38.44 -3.86
C LYS A 706 -20.71 37.73 -4.21
N LYS A 707 -21.56 37.36 -3.18
CA LYS A 707 -22.86 36.68 -3.37
C LYS A 707 -23.85 37.48 -4.28
N MET A 708 -23.82 38.83 -4.20
CA MET A 708 -24.66 39.72 -5.00
C MET A 708 -24.15 39.85 -6.42
N MET A 709 -22.83 39.76 -6.59
CA MET A 709 -22.32 39.91 -7.98
C MET A 709 -22.42 38.66 -8.81
N LEU A 710 -22.11 37.52 -8.17
CA LEU A 710 -22.11 36.22 -8.80
C LEU A 710 -23.27 35.37 -8.46
N GLY A 711 -23.85 35.51 -7.24
CA GLY A 711 -24.99 34.67 -6.90
C GLY A 711 -24.57 33.55 -5.99
N ILE A 712 -25.44 33.14 -5.02
CA ILE A 712 -25.02 32.11 -4.10
C ILE A 712 -24.54 30.83 -4.69
N ASP A 713 -25.05 30.41 -5.87
CA ASP A 713 -24.61 29.15 -6.45
C ASP A 713 -23.19 29.23 -6.89
N LYS A 714 -22.81 30.23 -7.73
CA LYS A 714 -21.43 30.34 -8.10
C LYS A 714 -20.52 30.46 -6.87
N VAL A 715 -21.01 31.10 -5.76
CA VAL A 715 -20.15 31.27 -4.58
C VAL A 715 -19.80 29.98 -3.88
N ALA A 716 -20.82 29.16 -3.58
CA ALA A 716 -20.67 27.86 -2.99
C ALA A 716 -19.85 26.93 -3.93
N GLU A 717 -20.04 27.05 -5.28
CA GLU A 717 -19.29 26.18 -6.17
C GLU A 717 -17.81 26.53 -6.17
N LEU A 718 -17.50 27.83 -6.25
CA LEU A 718 -16.14 28.36 -6.25
C LEU A 718 -15.41 27.83 -5.04
N GLU A 719 -16.14 27.80 -3.89
CA GLU A 719 -15.60 27.29 -2.65
C GLU A 719 -15.08 25.94 -2.93
N LYS A 720 -15.93 25.06 -3.56
CA LYS A 720 -15.58 23.66 -3.89
C LYS A 720 -14.31 23.53 -4.72
N THR A 721 -14.31 24.21 -5.86
CA THR A 721 -13.22 24.23 -6.82
C THR A 721 -11.89 24.56 -6.21
N VAL A 722 -11.85 25.62 -5.41
CA VAL A 722 -10.63 26.10 -4.79
C VAL A 722 -10.15 25.26 -3.63
N LEU A 723 -11.03 24.97 -2.63
CA LEU A 723 -10.62 24.19 -1.49
C LEU A 723 -9.84 22.93 -2.00
N LEU A 724 -10.44 22.19 -2.95
CA LEU A 724 -9.85 21.01 -3.58
C LEU A 724 -8.48 21.31 -4.25
N LYS A 725 -8.41 22.27 -5.16
CA LYS A 725 -7.12 22.56 -5.77
C LYS A 725 -6.08 22.99 -4.77
N VAL A 726 -6.49 23.70 -3.73
CA VAL A 726 -5.53 24.10 -2.70
C VAL A 726 -5.04 22.92 -1.85
N VAL A 727 -5.95 22.01 -1.45
CA VAL A 727 -5.59 20.85 -0.63
C VAL A 727 -4.58 19.97 -1.32
N ASP A 728 -4.79 19.81 -2.63
CA ASP A 728 -3.90 18.98 -3.40
C ASP A 728 -2.54 19.54 -3.49
N GLN A 729 -2.45 20.84 -3.76
CA GLN A 729 -1.16 21.51 -3.84
C GLN A 729 -0.34 21.31 -2.62
N TYR A 730 -0.94 21.69 -1.48
CA TYR A 730 -0.19 21.59 -0.26
C TYR A 730 0.02 20.18 0.24
N TRP A 731 -0.95 19.27 0.08
CA TRP A 731 -0.77 17.90 0.55
C TRP A 731 0.29 17.18 -0.28
N ILE A 732 0.42 17.48 -1.61
CA ILE A 732 1.51 16.72 -2.21
C ILE A 732 2.84 17.15 -1.70
N ASP A 733 3.00 18.44 -1.41
CA ASP A 733 4.26 18.91 -0.86
C ASP A 733 4.47 18.34 0.57
N HIS A 734 3.44 18.41 1.47
CA HIS A 734 3.57 17.84 2.80
C HIS A 734 4.06 16.35 2.74
N ILE A 735 3.56 15.55 1.79
CA ILE A 735 3.99 14.19 1.64
C ILE A 735 5.47 14.15 1.54
N ASP A 736 6.02 14.93 0.56
CA ASP A 736 7.45 14.97 0.34
C ASP A 736 8.21 15.46 1.58
N ALA A 737 7.70 16.53 2.20
CA ALA A 737 8.31 17.08 3.39
C ALA A 737 8.31 16.07 4.52
N MET A 738 7.31 15.18 4.60
CA MET A 738 7.37 14.21 5.70
C MET A 738 8.39 13.12 5.44
N GLU A 739 8.57 12.74 4.16
CA GLU A 739 9.59 11.76 3.83
C GLU A 739 10.97 12.36 4.12
N GLN A 740 11.16 13.66 3.83
CA GLN A 740 12.39 14.36 4.16
C GLN A 740 12.60 14.33 5.67
N LEU A 741 11.50 14.48 6.46
CA LEU A 741 11.58 14.45 7.91
C LEU A 741 12.09 13.10 8.39
N LYS A 742 11.58 11.98 7.83
CA LYS A 742 12.06 10.68 8.24
C LYS A 742 13.55 10.61 7.98
N GLN A 743 13.96 11.00 6.76
CA GLN A 743 15.37 11.01 6.40
C GLN A 743 16.24 11.78 7.38
N TYR A 744 15.88 12.99 7.73
CA TYR A 744 16.68 13.73 8.70
C TYR A 744 16.71 13.09 10.06
N ILE A 745 15.63 12.56 10.56
CA ILE A 745 15.81 11.98 11.86
C ILE A 745 16.61 10.73 11.84
N GLY A 746 17.15 10.40 10.69
CA GLY A 746 18.04 9.25 10.59
C GLY A 746 19.32 9.62 11.32
N LEU A 747 19.87 10.74 10.92
CA LEU A 747 21.07 11.32 11.50
C LEU A 747 20.93 11.67 13.02
N LYS A 748 20.96 13.00 13.33
CA LYS A 748 20.88 13.56 14.68
C LYS A 748 19.89 12.91 15.63
N SER A 749 20.42 12.27 16.67
CA SER A 749 19.62 11.58 17.67
C SER A 749 19.86 12.21 19.04
N TYR A 750 19.20 11.72 20.09
CA TYR A 750 19.39 12.31 21.41
C TYR A 750 19.42 11.31 22.56
N ALA A 751 20.22 11.63 23.59
CA ALA A 751 20.33 10.79 24.78
C ALA A 751 19.15 11.03 25.71
N GLN A 752 17.97 10.57 25.32
CA GLN A 752 16.76 10.74 26.13
C GLN A 752 15.87 9.52 25.97
N LYS A 753 15.24 9.36 24.80
CA LYS A 753 14.41 8.18 24.59
C LYS A 753 14.33 7.61 23.18
N ASP A 754 13.53 8.22 22.28
CA ASP A 754 13.39 7.61 20.97
C ASP A 754 13.49 8.56 19.82
N PRO A 755 14.10 8.13 18.73
CA PRO A 755 14.17 9.03 17.58
C PRO A 755 12.76 9.41 17.17
N PHE A 756 11.83 8.50 17.48
CA PHE A 756 10.43 8.66 17.20
C PHE A 756 9.82 9.89 17.87
N LYS A 757 10.14 10.20 19.15
CA LYS A 757 9.55 11.38 19.75
C LYS A 757 9.75 12.68 18.94
N GLU A 758 10.97 12.92 18.41
CA GLU A 758 11.24 14.11 17.57
C GLU A 758 10.38 14.04 16.43
N TYR A 759 10.41 12.88 15.83
CA TYR A 759 9.64 12.68 14.65
C TYR A 759 8.20 13.06 14.81
N ALA A 760 7.58 12.63 15.91
CA ALA A 760 6.18 12.90 16.13
C ALA A 760 5.93 14.34 16.38
N LEU A 761 6.74 14.96 17.24
CA LEU A 761 6.61 16.35 17.56
C LEU A 761 6.70 17.18 16.31
N GLU A 762 7.74 16.97 15.52
CA GLU A 762 7.86 17.74 14.31
C GLU A 762 6.83 17.42 13.28
N GLY A 763 6.31 16.18 13.29
CA GLY A 763 5.28 15.82 12.36
C GLY A 763 4.01 16.60 12.66
N TYR A 764 3.74 16.75 13.94
CA TYR A 764 2.57 17.45 14.45
C TYR A 764 2.62 18.93 14.10
N ASP A 765 3.80 19.56 14.27
CA ASP A 765 4.00 20.98 13.97
C ASP A 765 3.84 21.19 12.49
N MET A 766 4.32 20.21 11.72
CA MET A 766 4.23 20.26 10.27
C MET A 766 2.81 20.13 9.80
N PHE A 767 2.00 19.33 10.53
CA PHE A 767 0.65 19.09 10.19
C PHE A 767 -0.18 20.33 10.48
N GLU A 768 0.11 21.00 11.57
CA GLU A 768 -0.51 22.29 11.80
C GLU A 768 -0.01 23.27 10.69
N ALA A 769 1.27 23.25 10.34
CA ALA A 769 1.64 24.16 9.24
C ALA A 769 0.89 23.88 7.95
N LEU A 770 0.52 22.60 7.70
CA LEU A 770 -0.16 22.28 6.47
C LEU A 770 -1.56 22.89 6.46
N ASN A 771 -2.31 22.68 7.54
CA ASN A 771 -3.62 23.22 7.60
C ASN A 771 -3.66 24.77 7.62
N LYS A 772 -2.61 25.42 8.13
CA LYS A 772 -2.54 26.86 8.13
C LYS A 772 -2.37 27.32 6.70
N ASN A 773 -1.55 26.60 5.94
CA ASN A 773 -1.37 26.94 4.53
C ASN A 773 -2.65 26.83 3.68
N ILE A 774 -3.37 25.72 3.82
CA ILE A 774 -4.62 25.44 3.09
C ILE A 774 -5.64 26.52 3.35
N ARG A 775 -5.84 26.89 4.63
CA ARG A 775 -6.83 27.91 4.89
C ARG A 775 -6.48 29.26 4.35
N GLU A 776 -5.27 29.72 4.57
CA GLU A 776 -4.82 31.00 4.07
C GLU A 776 -4.93 31.11 2.52
N ALA A 777 -4.59 30.03 1.82
CA ALA A 777 -4.69 30.02 0.38
C ALA A 777 -6.14 29.86 -0.16
N THR A 778 -6.98 29.03 0.47
CA THR A 778 -8.39 28.87 0.08
C THR A 778 -9.04 30.22 0.24
N VAL A 779 -8.99 30.75 1.50
CA VAL A 779 -9.57 32.02 1.85
C VAL A 779 -9.07 33.19 0.97
N GLN A 780 -7.79 33.27 0.66
CA GLN A 780 -7.29 34.34 -0.22
C GLN A 780 -8.01 34.27 -1.56
N TYR A 781 -8.00 33.07 -2.14
CA TYR A 781 -8.62 32.82 -3.42
C TYR A 781 -10.11 33.15 -3.52
N LEU A 782 -10.89 32.83 -2.46
CA LEU A 782 -12.30 33.14 -2.40
C LEU A 782 -12.60 34.68 -2.13
N TYR A 783 -11.78 35.34 -1.31
CA TYR A 783 -11.98 36.73 -0.88
C TYR A 783 -11.15 37.89 -1.46
N LYS A 784 -9.91 37.64 -1.86
CA LYS A 784 -9.04 38.70 -2.30
C LYS A 784 -9.11 39.28 -3.69
N PHE A 785 -9.55 38.55 -4.69
CA PHE A 785 -9.55 39.15 -6.03
C PHE A 785 -10.84 39.13 -6.80
N ASN A 786 -11.93 39.39 -6.11
CA ASN A 786 -13.23 39.44 -6.72
C ASN A 786 -13.46 40.84 -7.36
#